data_1MBM
#
_entry.id   1MBM
#
_cell.length_a   56.612
_cell.length_b   60.326
_cell.length_c   62.637
_cell.angle_alpha   74.08
_cell.angle_beta   63.30
_cell.angle_gamma   66.18
#
_symmetry.space_group_name_H-M   'P 1'
#
loop_
_entity.id
_entity.type
_entity.pdbx_description
1 polymer 'chymotrypsin-like serine protease'
2 water water
#
_entity_poly.entity_id   1
_entity_poly.type   'polypeptide(L)'
_entity_poly.pdbx_seq_one_letter_code
;KARGNVGFVAGSSYGTGSVWTRNNEVVVLTASHVVGRANMATLKIGDAMLTLTFKKNGDFAEAVTTQSELPGNWPQLHFA
QPTTGPASWCTATGDEEGLLSGEVCLAWTTSGDSGSAVVQGDAVVGVHTGSNTSGVAYVTTPSGKLLGADTVTLSSLSKH
FTGPLTSIPKDIPDNIIADVDAVPRSLAMLIDGLSNRE
;
_entity_poly.pdbx_strand_id   A,B,C,D
#
# COMPACT_ATOMS: atom_id res chain seq x y z
N LYS A 1 7.88 -9.07 27.40
CA LYS A 1 6.51 -9.26 26.83
C LYS A 1 5.77 -7.93 26.67
N ALA A 2 5.31 -7.66 25.46
CA ALA A 2 4.61 -6.42 25.15
C ALA A 2 3.20 -6.35 25.73
N ARG A 3 2.65 -5.14 25.82
CA ARG A 3 1.26 -4.99 26.24
C ARG A 3 0.37 -5.62 25.16
N GLY A 4 -0.82 -6.05 25.59
CA GLY A 4 -1.77 -6.74 24.74
C GLY A 4 -2.26 -6.01 23.52
N ASN A 5 -2.21 -4.67 23.57
CA ASN A 5 -2.66 -3.85 22.46
C ASN A 5 -1.54 -3.28 21.58
N VAL A 6 -0.34 -3.87 21.69
CA VAL A 6 0.80 -3.39 20.92
C VAL A 6 1.08 -4.30 19.72
N GLY A 7 1.25 -3.70 18.55
CA GLY A 7 1.55 -4.47 17.36
C GLY A 7 2.68 -3.92 16.50
N PHE A 8 2.99 -4.64 15.43
CA PHE A 8 4.01 -4.24 14.48
C PHE A 8 3.36 -3.54 13.29
N VAL A 9 4.00 -2.50 12.79
CA VAL A 9 3.48 -1.73 11.65
C VAL A 9 4.53 -1.69 10.54
N ALA A 10 4.11 -1.98 9.31
CA ALA A 10 4.99 -1.92 8.14
C ALA A 10 4.39 -1.05 7.02
N GLY A 11 5.12 -0.01 6.66
CA GLY A 11 4.75 0.90 5.56
C GLY A 11 6.03 1.18 4.78
N SER A 12 6.43 2.45 4.72
CA SER A 12 7.70 2.80 4.07
C SER A 12 8.83 2.39 5.00
N SER A 13 8.52 2.26 6.28
CA SER A 13 9.51 1.78 7.21
C SER A 13 8.89 0.76 8.17
N TYR A 14 9.67 0.25 9.11
CA TYR A 14 9.20 -0.78 10.03
C TYR A 14 9.12 -0.19 11.41
N GLY A 15 7.96 -0.30 12.02
CA GLY A 15 7.75 0.32 13.32
C GLY A 15 6.80 -0.43 14.21
N THR A 16 6.31 0.29 15.21
CA THR A 16 5.45 -0.24 16.24
C THR A 16 4.14 0.52 16.24
N GLY A 17 3.06 -0.16 16.63
CA GLY A 17 1.77 0.49 16.75
C GLY A 17 1.02 0.10 18.00
N SER A 18 -0.08 0.78 18.26
CA SER A 18 -0.93 0.43 19.39
C SER A 18 -2.39 0.52 18.97
N VAL A 19 -3.24 -0.29 19.59
CA VAL A 19 -4.65 -0.37 19.23
C VAL A 19 -5.56 -0.01 20.41
N TRP A 20 -6.60 0.76 20.15
CA TRP A 20 -7.43 1.30 21.21
C TRP A 20 -8.89 1.40 20.82
N THR A 21 -9.74 1.65 21.82
CA THR A 21 -11.16 1.87 21.58
C THR A 21 -11.50 3.34 21.83
N ARG A 22 -12.34 3.92 20.96
CA ARG A 22 -12.83 5.27 21.11
C ARG A 22 -14.20 5.43 20.40
N ASN A 23 -15.24 5.78 21.15
CA ASN A 23 -16.58 6.00 20.58
C ASN A 23 -17.01 5.03 19.48
N ASN A 24 -17.02 3.74 19.80
CA ASN A 24 -17.44 2.68 18.86
C ASN A 24 -16.52 2.49 17.65
N GLU A 25 -15.34 3.08 17.69
CA GLU A 25 -14.38 2.85 16.61
C GLU A 25 -13.12 2.27 17.22
N VAL A 26 -12.35 1.57 16.40
CA VAL A 26 -11.08 0.99 16.81
C VAL A 26 -9.99 1.90 16.26
N VAL A 27 -9.12 2.38 17.14
CA VAL A 27 -8.10 3.35 16.76
C VAL A 27 -6.70 2.76 16.77
N VAL A 28 -5.95 3.01 15.72
CA VAL A 28 -4.57 2.51 15.60
C VAL A 28 -3.59 3.67 15.50
N LEU A 29 -2.66 3.75 16.43
CA LEU A 29 -1.63 4.81 16.41
C LEU A 29 -0.25 4.30 16.05
N THR A 30 0.53 5.11 15.35
CA THR A 30 1.91 4.80 14.99
C THR A 30 2.56 6.11 14.54
N ALA A 31 3.78 6.02 14.01
CA ALA A 31 4.52 7.21 13.54
C ALA A 31 4.33 7.41 12.04
N SER A 32 4.17 8.65 11.62
CA SER A 32 3.98 8.96 10.20
C SER A 32 5.13 8.48 9.31
N HIS A 33 6.37 8.61 9.77
CA HIS A 33 7.51 8.21 8.93
C HIS A 33 7.59 6.68 8.77
N VAL A 34 6.96 5.94 9.67
CA VAL A 34 6.86 4.49 9.54
C VAL A 34 5.86 4.18 8.43
N VAL A 35 4.75 4.93 8.42
CA VAL A 35 3.72 4.79 7.38
C VAL A 35 4.26 5.16 6.00
N GLY A 36 4.76 6.39 5.86
CA GLY A 36 5.28 6.84 4.59
C GLY A 36 4.26 7.67 3.83
N ARG A 37 4.73 8.40 2.83
CA ARG A 37 3.87 9.29 2.05
C ARG A 37 2.64 8.65 1.39
N ALA A 38 2.75 7.39 0.95
CA ALA A 38 1.60 6.72 0.36
C ALA A 38 0.45 6.57 1.36
N ASN A 39 0.71 6.93 2.63
CA ASN A 39 -0.30 6.95 3.70
C ASN A 39 -0.93 5.61 4.07
N MET A 40 -0.38 4.52 3.54
CA MET A 40 -0.90 3.19 3.80
C MET A 40 0.12 2.33 4.54
N ALA A 41 -0.37 1.49 5.46
CA ALA A 41 0.52 0.61 6.22
C ALA A 41 -0.22 -0.58 6.81
N THR A 42 0.50 -1.67 7.02
CA THR A 42 -0.12 -2.89 7.52
C THR A 42 0.24 -3.12 8.98
N LEU A 43 -0.79 -3.33 9.81
CA LEU A 43 -0.64 -3.61 11.23
C LEU A 43 -0.69 -5.12 11.44
N LYS A 44 0.20 -5.63 12.27
CA LYS A 44 0.20 -7.03 12.64
C LYS A 44 0.06 -7.09 14.16
N ILE A 45 -1.02 -7.70 14.64
CA ILE A 45 -1.25 -7.87 16.06
C ILE A 45 -2.08 -9.16 16.30
N GLY A 46 -1.61 -9.99 17.23
CA GLY A 46 -2.23 -11.29 17.45
C GLY A 46 -2.14 -12.06 16.15
N ASP A 47 -3.26 -12.62 15.69
CA ASP A 47 -3.29 -13.32 14.42
C ASP A 47 -3.88 -12.42 13.32
N ALA A 48 -4.13 -11.17 13.68
CA ALA A 48 -4.75 -10.22 12.76
C ALA A 48 -3.72 -9.45 11.94
N MET A 49 -3.98 -9.36 10.64
CA MET A 49 -3.16 -8.57 9.72
C MET A 49 -4.14 -7.69 8.95
N LEU A 50 -3.95 -6.38 9.04
CA LEU A 50 -4.89 -5.43 8.47
C LEU A 50 -4.15 -4.23 7.87
N THR A 51 -4.51 -3.86 6.65
CA THR A 51 -3.90 -2.71 6.00
C THR A 51 -4.77 -1.50 6.34
N LEU A 52 -4.13 -0.39 6.73
CA LEU A 52 -4.85 0.81 7.14
C LEU A 52 -4.36 2.10 6.47
N THR A 53 -5.23 3.10 6.42
CA THR A 53 -4.92 4.44 5.93
C THR A 53 -4.86 5.38 7.15
N PHE A 54 -3.87 6.27 7.18
CA PHE A 54 -3.62 7.11 8.35
C PHE A 54 -3.77 8.61 8.14
N LYS A 55 -4.42 9.28 9.09
CA LYS A 55 -4.42 10.73 9.07
C LYS A 55 -3.22 11.15 9.91
N LYS A 56 -2.50 12.17 9.46
CA LYS A 56 -1.26 12.55 10.10
C LYS A 56 -1.23 13.98 10.61
N ASN A 57 -0.51 14.18 11.71
CA ASN A 57 -0.22 15.49 12.25
C ASN A 57 1.25 15.46 12.64
N GLY A 58 2.11 16.01 11.79
CA GLY A 58 3.54 15.84 12.00
C GLY A 58 3.80 14.34 11.97
N ASP A 59 4.62 13.85 12.91
CA ASP A 59 4.96 12.42 12.93
C ASP A 59 3.93 11.56 13.69
N PHE A 60 2.85 12.17 14.17
CA PHE A 60 1.77 11.42 14.85
C PHE A 60 0.78 10.90 13.80
N ALA A 61 0.59 9.58 13.72
CA ALA A 61 -0.30 8.99 12.73
C ALA A 61 -1.43 8.17 13.35
N GLU A 62 -2.66 8.42 12.92
CA GLU A 62 -3.81 7.72 13.49
C GLU A 62 -4.71 7.14 12.41
N ALA A 63 -5.05 5.86 12.56
CA ALA A 63 -6.01 5.19 11.67
C ALA A 63 -7.20 4.75 12.48
N VAL A 64 -8.35 4.64 11.82
CA VAL A 64 -9.55 4.13 12.46
C VAL A 64 -10.08 2.93 11.67
N THR A 65 -10.65 1.97 12.39
CA THR A 65 -11.27 0.81 11.79
C THR A 65 -12.38 0.37 12.72
N THR A 66 -12.93 -0.81 12.53
CA THR A 66 -14.05 -1.26 13.37
C THR A 66 -13.74 -2.56 14.08
N GLN A 67 -14.61 -2.93 15.02
CA GLN A 67 -14.49 -4.17 15.78
C GLN A 67 -14.59 -5.40 14.88
N SER A 68 -15.35 -5.30 13.80
CA SER A 68 -15.50 -6.42 12.87
C SER A 68 -14.25 -6.63 12.00
N GLU A 69 -13.40 -5.62 11.93
CA GLU A 69 -12.17 -5.71 11.15
C GLU A 69 -10.97 -6.05 12.03
N LEU A 70 -11.02 -5.58 13.27
CA LEU A 70 -9.96 -5.79 14.23
C LEU A 70 -10.58 -6.00 15.62
N PRO A 71 -11.11 -7.21 15.84
CA PRO A 71 -11.77 -7.53 17.13
C PRO A 71 -10.81 -7.66 18.29
N GLY A 72 -11.31 -7.36 19.49
CA GLY A 72 -10.50 -7.48 20.68
C GLY A 72 -10.94 -6.49 21.73
N ASN A 73 -10.56 -6.75 22.97
CA ASN A 73 -10.90 -5.86 24.06
C ASN A 73 -9.83 -4.79 24.22
N TRP A 74 -9.78 -3.87 23.26
CA TRP A 74 -8.78 -2.83 23.27
C TRP A 74 -9.10 -1.78 24.34
N PRO A 75 -8.07 -1.34 25.07
CA PRO A 75 -8.24 -0.34 26.13
C PRO A 75 -8.76 0.98 25.58
N GLN A 76 -9.53 1.70 26.38
CA GLN A 76 -10.09 2.98 25.97
C GLN A 76 -8.98 3.98 25.67
N LEU A 77 -9.13 4.73 24.60
CA LEU A 77 -8.11 5.73 24.24
C LEU A 77 -8.36 7.04 24.95
N HIS A 78 -7.39 7.48 25.76
CA HIS A 78 -7.42 8.80 26.38
C HIS A 78 -6.16 9.55 25.99
N PHE A 79 -6.30 10.76 25.45
CA PHE A 79 -5.13 11.59 25.19
C PHE A 79 -4.93 12.50 26.40
N ALA A 80 -3.68 12.80 26.74
CA ALA A 80 -3.40 13.71 27.84
C ALA A 80 -2.13 14.52 27.57
N GLN A 81 -2.09 15.72 28.11
CA GLN A 81 -0.93 16.60 27.98
C GLN A 81 0.26 15.93 28.68
N PRO A 82 1.47 16.14 28.17
CA PRO A 82 2.66 15.62 28.82
C PRO A 82 2.82 16.19 30.22
N THR A 83 3.16 15.33 31.16
CA THR A 83 3.43 15.71 32.53
C THR A 83 4.88 15.34 32.80
N THR A 84 5.67 16.24 33.37
CA THR A 84 7.07 15.92 33.64
C THR A 84 7.19 14.76 34.65
N GLY A 85 7.67 13.62 34.19
CA GLY A 85 7.79 12.46 35.05
C GLY A 85 8.04 11.22 34.20
N PRO A 86 7.97 10.05 34.84
CA PRO A 86 8.13 8.78 34.13
C PRO A 86 7.03 8.56 33.09
N ALA A 87 7.35 7.85 32.03
CA ALA A 87 6.38 7.47 31.02
C ALA A 87 6.80 6.12 30.47
N SER A 88 5.85 5.36 29.96
CA SER A 88 6.15 4.06 29.41
C SER A 88 6.09 4.12 27.89
N TRP A 89 7.18 3.69 27.26
CA TRP A 89 7.26 3.53 25.82
C TRP A 89 6.82 2.09 25.60
N CYS A 90 5.66 1.90 24.97
CA CYS A 90 5.08 0.57 24.80
C CYS A 90 5.58 -0.11 23.55
N THR A 91 6.78 -0.67 23.61
CA THR A 91 7.35 -1.32 22.44
C THR A 91 6.82 -2.73 22.26
N ALA A 92 7.13 -3.32 21.12
CA ALA A 92 6.71 -4.69 20.83
C ALA A 92 7.46 -5.74 21.66
N THR A 93 8.47 -5.32 22.43
CA THR A 93 9.19 -6.27 23.28
C THR A 93 9.15 -5.84 24.73
N GLY A 94 8.07 -5.17 25.11
CA GLY A 94 7.91 -4.75 26.49
C GLY A 94 7.96 -3.24 26.67
N ASP A 95 7.49 -2.79 27.82
CA ASP A 95 7.52 -1.39 28.18
C ASP A 95 8.90 -0.91 28.57
N GLU A 96 9.29 0.22 28.00
CA GLU A 96 10.55 0.86 28.34
C GLU A 96 10.18 2.07 29.21
N GLU A 97 10.62 2.05 30.48
CA GLU A 97 10.37 3.19 31.37
C GLU A 97 11.37 4.31 31.07
N GLY A 98 10.86 5.50 30.80
CA GLY A 98 11.74 6.63 30.49
C GLY A 98 11.29 7.94 31.10
N LEU A 99 12.08 8.98 30.88
CA LEU A 99 11.75 10.33 31.35
C LEU A 99 11.00 11.03 30.26
N LEU A 100 9.90 11.67 30.62
CA LEU A 100 9.14 12.46 29.67
C LEU A 100 8.95 13.86 30.22
N SER A 101 9.24 14.86 29.39
CA SER A 101 8.96 16.26 29.67
C SER A 101 8.80 16.96 28.31
N GLY A 102 8.33 18.19 28.29
CA GLY A 102 8.16 18.88 27.02
C GLY A 102 9.52 19.18 26.37
N GLU A 103 10.51 19.45 27.21
CA GLU A 103 11.82 19.84 26.73
C GLU A 103 12.75 18.67 26.40
N VAL A 104 12.74 17.64 27.24
CA VAL A 104 13.69 16.54 27.14
C VAL A 104 13.04 15.18 27.43
N CYS A 105 13.26 14.20 26.56
CA CYS A 105 12.75 12.86 26.80
C CYS A 105 13.89 11.85 26.68
N LEU A 106 13.97 10.92 27.64
CA LEU A 106 15.01 9.89 27.65
C LEU A 106 14.39 8.50 27.69
N ALA A 107 14.85 7.61 26.82
CA ALA A 107 14.36 6.24 26.80
C ALA A 107 15.29 5.44 25.91
N TRP A 108 15.52 4.18 26.25
CA TRP A 108 16.36 3.34 25.42
C TRP A 108 15.49 2.74 24.31
N THR A 109 15.73 3.15 23.08
CA THR A 109 14.93 2.65 21.94
C THR A 109 15.79 2.31 20.72
N THR A 110 15.20 1.54 19.79
CA THR A 110 15.84 1.25 18.49
C THR A 110 14.91 1.72 17.38
N SER A 111 15.39 1.69 16.14
CA SER A 111 14.57 2.16 15.01
C SER A 111 13.19 1.49 14.96
N GLY A 112 13.15 0.18 15.19
CA GLY A 112 11.90 -0.55 15.19
C GLY A 112 10.87 -0.08 16.22
N ASP A 113 11.30 0.69 17.21
CA ASP A 113 10.39 1.19 18.24
C ASP A 113 9.66 2.45 17.83
N SER A 114 10.00 3.01 16.66
CA SER A 114 9.30 4.21 16.17
C SER A 114 7.81 3.90 16.10
N GLY A 115 7.00 4.82 16.58
CA GLY A 115 5.56 4.61 16.59
C GLY A 115 4.98 4.08 17.89
N SER A 116 5.81 3.56 18.78
CA SER A 116 5.34 3.06 20.08
C SER A 116 4.57 4.15 20.81
N ALA A 117 3.46 3.77 21.42
CA ALA A 117 2.68 4.74 22.20
C ALA A 117 3.54 5.08 23.40
N VAL A 118 3.55 6.36 23.77
CA VAL A 118 4.22 6.78 24.98
C VAL A 118 3.09 7.12 25.94
N VAL A 119 3.00 6.42 27.06
CA VAL A 119 1.86 6.62 27.94
C VAL A 119 2.23 7.00 29.37
N GLN A 120 1.33 7.73 30.01
CA GLN A 120 1.46 8.09 31.41
C GLN A 120 0.11 7.75 32.02
N GLY A 121 0.10 6.84 32.99
CA GLY A 121 -1.14 6.35 33.55
C GLY A 121 -1.90 5.58 32.50
N ASP A 122 -3.17 5.92 32.31
CA ASP A 122 -4.01 5.28 31.31
C ASP A 122 -4.14 6.12 30.03
N ALA A 123 -3.25 7.09 29.88
CA ALA A 123 -3.39 8.00 28.76
C ALA A 123 -2.20 8.07 27.84
N VAL A 124 -2.47 8.25 26.55
CA VAL A 124 -1.44 8.41 25.55
C VAL A 124 -1.05 9.88 25.49
N VAL A 125 0.24 10.15 25.60
CA VAL A 125 0.73 11.52 25.46
C VAL A 125 1.30 11.73 24.05
N GLY A 126 1.74 10.66 23.39
CA GLY A 126 2.29 10.77 22.05
C GLY A 126 2.80 9.46 21.49
N VAL A 127 3.46 9.52 20.33
CA VAL A 127 4.09 8.33 19.77
C VAL A 127 5.59 8.58 19.74
N HIS A 128 6.38 7.51 19.80
CA HIS A 128 7.82 7.65 19.75
C HIS A 128 8.26 7.96 18.32
N THR A 129 8.98 9.07 18.17
CA THR A 129 9.39 9.59 16.87
C THR A 129 10.83 9.23 16.47
N GLY A 130 11.74 9.28 17.42
CA GLY A 130 13.12 8.97 17.08
C GLY A 130 14.05 9.09 18.25
N SER A 131 15.33 8.86 18.01
CA SER A 131 16.27 8.87 19.12
C SER A 131 17.55 9.60 18.80
N ASN A 132 18.36 9.83 19.82
CA ASN A 132 19.68 10.40 19.62
C ASN A 132 20.61 9.75 20.63
N THR A 133 21.83 10.26 20.71
CA THR A 133 22.87 9.71 21.58
C THR A 133 22.51 9.82 23.06
N SER A 134 22.87 8.80 23.82
CA SER A 134 22.67 8.78 25.27
C SER A 134 21.23 8.69 25.73
N GLY A 135 20.44 7.91 24.99
CA GLY A 135 19.06 7.68 25.37
C GLY A 135 18.11 8.83 25.06
N VAL A 136 18.52 9.77 24.23
CA VAL A 136 17.64 10.88 23.87
C VAL A 136 16.46 10.35 23.05
N ALA A 137 15.25 10.75 23.42
CA ALA A 137 14.06 10.35 22.69
C ALA A 137 13.30 11.59 22.21
N TYR A 138 12.61 11.47 21.08
CA TYR A 138 11.74 12.54 20.61
C TYR A 138 10.34 11.94 20.49
N VAL A 139 9.35 12.65 21.03
CA VAL A 139 7.98 12.15 21.06
C VAL A 139 7.01 13.16 20.42
N THR A 140 6.14 12.70 19.55
CA THR A 140 5.20 13.61 18.92
C THR A 140 3.82 13.47 19.55
N THR A 141 3.22 14.58 20.00
CA THR A 141 1.87 14.53 20.55
C THR A 141 0.81 14.49 19.44
N PRO A 142 -0.42 14.10 19.76
CA PRO A 142 -1.50 14.10 18.75
C PRO A 142 -1.74 15.45 18.03
N SER A 143 -1.34 16.56 18.64
CA SER A 143 -1.48 17.87 17.99
C SER A 143 -0.23 18.23 17.18
N GLY A 144 0.73 17.31 17.09
CA GLY A 144 1.90 17.50 16.24
C GLY A 144 3.07 18.23 16.86
N LYS A 145 3.04 18.40 18.17
CA LYS A 145 4.12 19.06 18.87
C LYS A 145 5.24 18.05 19.11
N LEU A 146 6.48 18.42 18.82
CA LEU A 146 7.59 17.53 19.08
C LEU A 146 8.16 17.76 20.49
N LEU A 147 8.11 16.73 21.33
CA LEU A 147 8.67 16.79 22.67
C LEU A 147 10.07 16.23 22.63
N GLY A 148 10.98 16.80 23.42
CA GLY A 148 12.34 16.31 23.54
C GLY A 148 13.44 17.08 22.81
N ALA A 149 13.09 18.20 22.16
CA ALA A 149 14.04 18.93 21.33
C ALA A 149 14.64 20.19 21.95
N ASP A 150 14.25 20.51 23.18
CA ASP A 150 14.72 21.72 23.86
C ASP A 150 15.72 21.39 24.96
N THR A 151 15.93 22.34 25.88
CA THR A 151 16.83 22.11 27.00
C THR A 151 16.13 22.36 28.31
N VAL A 152 16.70 21.82 29.39
CA VAL A 152 16.19 22.07 30.73
C VAL A 152 17.35 21.88 31.71
N THR A 153 17.36 22.64 32.80
CA THR A 153 18.41 22.46 33.81
C THR A 153 18.03 21.29 34.70
N LEU A 154 19.01 20.71 35.38
CA LEU A 154 18.72 19.62 36.29
C LEU A 154 17.90 20.12 37.46
N SER A 155 18.18 21.34 37.91
CA SER A 155 17.43 21.90 39.05
C SER A 155 15.95 22.08 38.68
N SER A 156 15.68 22.64 37.50
CA SER A 156 14.30 22.82 37.05
C SER A 156 13.57 21.49 36.92
N LEU A 157 14.25 20.50 36.33
CA LEU A 157 13.71 19.15 36.19
C LEU A 157 13.43 18.54 37.57
N SER A 158 14.35 18.79 38.51
CA SER A 158 14.27 18.22 39.87
C SER A 158 13.02 18.60 40.68
N LYS A 159 12.46 19.77 40.40
CA LYS A 159 11.23 20.24 41.06
C LYS A 159 10.09 19.23 40.93
N HIS A 160 10.10 18.44 39.86
CA HIS A 160 9.02 17.51 39.58
C HIS A 160 9.18 16.10 40.15
N PHE A 161 10.23 15.90 40.94
CA PHE A 161 10.51 14.54 41.42
C PHE A 161 10.69 14.41 42.92
N THR A 162 10.18 13.33 43.47
CA THR A 162 10.27 13.07 44.91
C THR A 162 11.52 12.27 45.27
N GLY A 163 11.81 12.19 46.57
CA GLY A 163 12.96 11.45 47.06
C GLY A 163 14.13 12.33 47.48
N PRO A 164 15.02 11.77 48.29
CA PRO A 164 16.17 12.51 48.81
C PRO A 164 17.22 12.73 47.73
N LEU A 165 18.16 13.64 47.97
CA LEU A 165 19.20 13.98 47.00
C LEU A 165 20.11 12.79 46.69
N THR A 166 20.44 12.62 45.42
CA THR A 166 21.21 11.48 44.96
C THR A 166 22.18 11.91 43.88
N SER A 167 23.32 11.21 43.75
CA SER A 167 24.32 11.49 42.73
C SER A 167 23.74 11.41 41.32
N ILE A 168 24.16 12.32 40.46
CA ILE A 168 23.69 12.38 39.08
C ILE A 168 24.31 11.24 38.28
N PRO A 169 23.49 10.55 37.49
CA PRO A 169 23.97 9.47 36.62
C PRO A 169 25.07 9.96 35.67
N LYS A 170 25.95 9.05 35.26
CA LYS A 170 27.11 9.41 34.45
C LYS A 170 26.77 10.00 33.09
N ASP A 171 26.12 9.23 32.22
CA ASP A 171 25.85 9.73 30.88
C ASP A 171 24.47 10.37 30.70
N ILE A 172 24.46 11.70 30.71
CA ILE A 172 23.25 12.47 30.44
C ILE A 172 23.56 13.37 29.25
N PRO A 173 22.55 13.60 28.41
CA PRO A 173 22.69 14.42 27.20
C PRO A 173 22.99 15.88 27.52
N ASP A 174 23.63 16.55 26.58
CA ASP A 174 24.00 17.96 26.69
C ASP A 174 22.79 18.88 26.84
N ASN A 175 21.62 18.43 26.39
CA ASN A 175 20.41 19.22 26.53
C ASN A 175 19.81 19.22 27.94
N ILE A 176 20.42 18.46 28.84
CA ILE A 176 20.08 18.52 30.26
C ILE A 176 21.26 19.27 30.89
N ILE A 177 21.02 20.50 31.28
CA ILE A 177 22.07 21.37 31.81
C ILE A 177 22.37 21.04 33.26
N ALA A 178 23.56 20.48 33.51
CA ALA A 178 23.94 20.05 34.86
C ALA A 178 24.34 21.24 35.77
N ASP A 179 23.37 21.79 36.48
CA ASP A 179 23.61 22.98 37.30
C ASP A 179 23.50 22.74 38.82
N VAL A 180 23.42 21.46 39.20
CA VAL A 180 23.41 21.04 40.60
C VAL A 180 24.26 19.79 40.60
N ASP A 181 24.73 19.38 41.77
CA ASP A 181 25.53 18.16 41.83
C ASP A 181 24.76 16.97 42.42
N ALA A 182 23.45 17.14 42.60
CA ALA A 182 22.59 16.08 43.13
C ALA A 182 21.14 16.30 42.73
N VAL A 183 20.40 15.22 42.57
CA VAL A 183 18.98 15.28 42.17
C VAL A 183 18.14 14.32 43.04
N PRO A 184 16.83 14.56 43.13
CA PRO A 184 15.93 13.63 43.85
C PRO A 184 16.08 12.21 43.32
N ARG A 185 16.06 11.26 44.25
CA ARG A 185 16.24 9.84 43.95
C ARG A 185 15.42 9.29 42.79
N SER A 186 14.15 9.68 42.70
CA SER A 186 13.30 9.18 41.62
C SER A 186 13.78 9.67 40.25
N LEU A 187 14.30 10.89 40.17
CA LEU A 187 14.86 11.39 38.91
C LEU A 187 16.13 10.60 38.53
N ALA A 188 17.02 10.38 39.50
CA ALA A 188 18.27 9.63 39.27
C ALA A 188 18.04 8.17 38.88
N MET A 189 17.12 7.50 39.56
CA MET A 189 16.77 6.11 39.30
C MET A 189 16.09 5.96 37.94
N LEU A 190 15.34 6.99 37.56
CA LEU A 190 14.67 7.01 36.27
C LEU A 190 15.73 6.91 35.19
N ILE A 191 16.65 7.88 35.17
CA ILE A 191 17.75 7.88 34.21
C ILE A 191 18.65 6.64 34.32
N ASP A 192 18.96 6.23 35.55
CA ASP A 192 19.75 5.02 35.80
C ASP A 192 19.03 3.77 35.31
N GLY A 193 17.71 3.83 35.29
CA GLY A 193 16.88 2.72 34.86
C GLY A 193 16.95 2.40 33.39
N LEU A 194 17.71 3.21 32.65
CA LEU A 194 17.95 3.04 31.21
C LEU A 194 17.95 1.58 30.73
N SER A 195 17.10 1.27 29.75
CA SER A 195 16.96 -0.07 29.19
C SER A 195 16.40 -1.06 30.22
N ASN A 196 15.08 -1.20 30.23
CA ASN A 196 14.42 -2.02 31.24
C ASN A 196 13.25 -2.87 30.74
N ARG A 197 13.09 -2.98 29.43
CA ARG A 197 11.95 -3.71 28.87
C ARG A 197 12.01 -5.23 29.05
N GLU A 198 13.20 -5.75 29.38
CA GLU A 198 13.38 -7.17 29.61
C GLU A 198 13.20 -7.53 31.09
N LYS B 1 -20.02 14.97 -20.36
CA LYS B 1 -19.04 15.48 -19.34
C LYS B 1 -19.39 15.01 -17.93
N ALA B 2 -18.48 14.27 -17.32
CA ALA B 2 -18.67 13.81 -15.94
C ALA B 2 -18.59 15.00 -15.00
N ARG B 3 -19.32 14.95 -13.88
CA ARG B 3 -19.31 16.06 -12.95
C ARG B 3 -17.93 16.27 -12.32
N GLY B 4 -17.66 17.51 -11.93
CA GLY B 4 -16.37 17.89 -11.38
C GLY B 4 -15.97 17.17 -10.11
N ASN B 5 -16.93 16.52 -9.46
CA ASN B 5 -16.63 15.83 -8.22
C ASN B 5 -16.60 14.30 -8.35
N VAL B 6 -16.69 13.77 -9.57
CA VAL B 6 -16.61 12.32 -9.73
C VAL B 6 -15.23 11.88 -10.16
N GLY B 7 -14.79 10.75 -9.62
CA GLY B 7 -13.46 10.27 -9.94
C GLY B 7 -13.42 8.77 -10.14
N PHE B 8 -12.21 8.27 -10.37
CA PHE B 8 -11.98 6.85 -10.55
C PHE B 8 -11.52 6.25 -9.23
N VAL B 9 -12.01 5.04 -8.95
CA VAL B 9 -11.58 4.33 -7.76
C VAL B 9 -11.21 2.91 -8.15
N ALA B 10 -10.14 2.40 -7.55
CA ALA B 10 -9.75 1.02 -7.80
C ALA B 10 -9.21 0.28 -6.58
N GLY B 11 -9.80 -0.88 -6.35
CA GLY B 11 -9.41 -1.78 -5.28
C GLY B 11 -9.29 -3.17 -5.89
N SER B 12 -10.31 -3.99 -5.71
CA SER B 12 -10.33 -5.34 -6.31
C SER B 12 -10.84 -5.24 -7.74
N SER B 13 -11.46 -4.11 -8.07
CA SER B 13 -11.98 -3.89 -9.42
C SER B 13 -11.84 -2.42 -9.82
N TYR B 14 -12.30 -2.11 -11.02
CA TYR B 14 -12.29 -0.73 -11.48
C TYR B 14 -13.70 -0.21 -11.32
N GLY B 15 -13.86 0.88 -10.56
CA GLY B 15 -15.17 1.46 -10.37
C GLY B 15 -15.18 2.98 -10.36
N THR B 16 -16.32 3.55 -9.95
CA THR B 16 -16.50 4.99 -9.92
C THR B 16 -16.65 5.51 -8.50
N GLY B 17 -16.28 6.76 -8.29
CA GLY B 17 -16.39 7.37 -6.98
C GLY B 17 -16.81 8.81 -7.10
N SER B 18 -17.11 9.46 -5.98
CA SER B 18 -17.48 10.87 -5.99
C SER B 18 -17.00 11.53 -4.70
N VAL B 19 -16.65 12.82 -4.78
CA VAL B 19 -16.09 13.52 -3.64
C VAL B 19 -17.02 14.64 -3.15
N TRP B 20 -17.17 14.76 -1.83
CA TRP B 20 -18.11 15.71 -1.26
C TRP B 20 -17.56 16.43 -0.03
N THR B 21 -18.32 17.40 0.46
CA THR B 21 -17.96 18.13 1.66
C THR B 21 -19.03 17.87 2.71
N ARG B 22 -18.59 17.66 3.94
CA ARG B 22 -19.51 17.48 5.05
C ARG B 22 -18.88 18.06 6.31
N ASN B 23 -19.18 19.33 6.59
CA ASN B 23 -18.65 20.05 7.76
C ASN B 23 -17.15 19.92 8.01
N ASN B 24 -16.35 20.69 7.25
CA ASN B 24 -14.89 20.67 7.35
C ASN B 24 -14.27 19.27 7.26
N GLU B 25 -14.88 18.44 6.43
CA GLU B 25 -14.45 17.07 6.28
C GLU B 25 -14.88 16.61 4.89
N VAL B 26 -13.95 16.03 4.14
CA VAL B 26 -14.24 15.58 2.80
C VAL B 26 -14.60 14.08 2.81
N VAL B 27 -15.59 13.72 2.00
CA VAL B 27 -16.10 12.36 1.99
C VAL B 27 -16.11 11.77 0.58
N VAL B 28 -15.64 10.54 0.47
CA VAL B 28 -15.62 9.85 -0.81
C VAL B 28 -16.57 8.65 -0.73
N LEU B 29 -17.50 8.57 -1.69
CA LEU B 29 -18.45 7.45 -1.79
C LEU B 29 -18.07 6.53 -2.97
N THR B 30 -18.35 5.23 -2.85
CA THR B 30 -18.19 4.23 -3.94
C THR B 30 -18.88 2.90 -3.60
N ALA B 31 -18.64 1.86 -4.40
CA ALA B 31 -19.25 0.56 -4.15
C ALA B 31 -18.30 -0.34 -3.39
N SER B 32 -18.83 -1.07 -2.41
CA SER B 32 -18.00 -1.95 -1.62
C SER B 32 -17.30 -3.04 -2.43
N HIS B 33 -17.99 -3.64 -3.40
CA HIS B 33 -17.37 -4.72 -4.19
C HIS B 33 -16.25 -4.24 -5.13
N VAL B 34 -16.24 -2.94 -5.41
CA VAL B 34 -15.17 -2.34 -6.21
C VAL B 34 -13.93 -2.26 -5.33
N VAL B 35 -14.17 -1.85 -4.09
CA VAL B 35 -13.12 -1.72 -3.07
C VAL B 35 -12.49 -3.06 -2.75
N GLY B 36 -13.33 -4.07 -2.54
CA GLY B 36 -12.86 -5.42 -2.27
C GLY B 36 -13.34 -5.99 -0.96
N ARG B 37 -12.42 -6.58 -0.20
CA ARG B 37 -12.75 -7.13 1.12
C ARG B 37 -11.85 -6.55 2.21
N ALA B 38 -10.77 -5.86 1.80
CA ALA B 38 -9.84 -5.28 2.76
C ALA B 38 -10.05 -3.78 3.04
N ASN B 39 -11.15 -3.22 2.53
CA ASN B 39 -11.54 -1.84 2.82
C ASN B 39 -10.63 -0.74 2.28
N MET B 40 -9.69 -1.09 1.39
CA MET B 40 -8.72 -0.14 0.88
C MET B 40 -8.86 0.10 -0.62
N ALA B 41 -8.89 1.36 -0.99
CA ALA B 41 -9.02 1.72 -2.40
C ALA B 41 -8.34 3.04 -2.67
N THR B 42 -7.87 3.20 -3.90
CA THR B 42 -7.23 4.44 -4.30
C THR B 42 -8.15 5.26 -5.20
N LEU B 43 -8.33 6.52 -4.86
CA LEU B 43 -9.15 7.42 -5.65
C LEU B 43 -8.30 8.26 -6.60
N LYS B 44 -8.79 8.42 -7.83
CA LYS B 44 -8.12 9.26 -8.81
C LYS B 44 -9.10 10.32 -9.28
N ILE B 45 -8.78 11.59 -9.03
CA ILE B 45 -9.64 12.68 -9.44
C ILE B 45 -8.86 13.99 -9.67
N GLY B 46 -9.13 14.65 -10.80
CA GLY B 46 -8.49 15.91 -11.15
C GLY B 46 -7.00 15.97 -10.88
N ASP B 47 -6.28 14.95 -11.33
CA ASP B 47 -4.85 14.82 -11.10
C ASP B 47 -4.42 14.86 -9.63
N ALA B 48 -5.23 14.20 -8.80
CA ALA B 48 -4.93 14.01 -7.40
C ALA B 48 -5.13 12.52 -7.16
N MET B 49 -4.30 11.92 -6.32
CA MET B 49 -4.42 10.49 -6.06
C MET B 49 -4.06 10.13 -4.62
N LEU B 50 -4.92 9.35 -3.97
CA LEU B 50 -4.70 8.96 -2.58
C LEU B 50 -5.41 7.65 -2.25
N THR B 51 -4.83 6.88 -1.33
CA THR B 51 -5.47 5.64 -0.88
C THR B 51 -6.32 5.97 0.34
N LEU B 52 -7.49 5.35 0.43
CA LEU B 52 -8.44 5.64 1.50
C LEU B 52 -8.94 4.37 2.13
N THR B 53 -9.39 4.49 3.37
CA THR B 53 -10.01 3.38 4.10
C THR B 53 -11.51 3.61 4.07
N PHE B 54 -12.25 2.58 3.68
CA PHE B 54 -13.70 2.69 3.56
C PHE B 54 -14.48 1.90 4.60
N LYS B 55 -15.51 2.53 5.15
CA LYS B 55 -16.43 1.89 6.06
C LYS B 55 -17.60 1.42 5.22
N LYS B 56 -17.84 0.11 5.21
CA LYS B 56 -18.88 -0.45 4.35
C LYS B 56 -20.22 -0.73 5.02
N ASN B 57 -21.28 -0.60 4.23
CA ASN B 57 -22.60 -1.00 4.64
C ASN B 57 -23.24 -1.68 3.43
N GLY B 58 -23.08 -3.00 3.35
CA GLY B 58 -23.49 -3.77 2.19
C GLY B 58 -22.60 -3.39 1.03
N ASP B 59 -23.20 -2.99 -0.09
CA ASP B 59 -22.41 -2.56 -1.25
C ASP B 59 -22.08 -1.05 -1.25
N PHE B 60 -22.53 -0.32 -0.24
CA PHE B 60 -22.25 1.12 -0.11
C PHE B 60 -20.96 1.36 0.70
N ALA B 61 -20.03 2.14 0.16
CA ALA B 61 -18.78 2.43 0.86
C ALA B 61 -18.47 3.92 0.99
N GLU B 62 -18.15 4.37 2.21
CA GLU B 62 -17.84 5.77 2.48
C GLU B 62 -16.48 5.91 3.16
N ALA B 63 -15.68 6.87 2.67
CA ALA B 63 -14.38 7.17 3.27
C ALA B 63 -14.34 8.62 3.71
N VAL B 64 -13.58 8.91 4.75
CA VAL B 64 -13.47 10.28 5.23
C VAL B 64 -12.00 10.74 5.24
N THR B 65 -11.76 11.91 4.65
CA THR B 65 -10.44 12.53 4.73
C THR B 65 -10.57 14.04 4.98
N THR B 66 -9.52 14.81 4.71
CA THR B 66 -9.51 16.24 4.98
C THR B 66 -9.23 17.11 3.74
N GLN B 67 -9.45 18.40 3.87
CA GLN B 67 -9.17 19.34 2.80
C GLN B 67 -7.67 19.38 2.48
N SER B 68 -6.84 19.13 3.49
CA SER B 68 -5.39 19.15 3.29
C SER B 68 -4.91 17.96 2.46
N GLU B 69 -5.65 16.86 2.50
CA GLU B 69 -5.28 15.66 1.74
C GLU B 69 -6.03 15.55 0.42
N LEU B 70 -7.21 16.15 0.35
CA LEU B 70 -7.97 16.16 -0.90
C LEU B 70 -8.65 17.53 -1.11
N PRO B 71 -7.86 18.54 -1.47
CA PRO B 71 -8.36 19.90 -1.64
C PRO B 71 -9.37 20.05 -2.78
N GLY B 72 -10.35 20.92 -2.59
CA GLY B 72 -11.34 21.16 -3.62
C GLY B 72 -12.64 21.76 -3.13
N ASN B 73 -13.35 22.44 -4.03
CA ASN B 73 -14.65 22.99 -3.73
C ASN B 73 -15.72 21.92 -3.97
N TRP B 74 -15.64 20.84 -3.19
CA TRP B 74 -16.53 19.70 -3.34
C TRP B 74 -17.94 20.05 -2.89
N PRO B 75 -18.93 19.61 -3.66
CA PRO B 75 -20.35 19.85 -3.34
C PRO B 75 -20.73 19.32 -1.95
N GLN B 76 -21.65 20.02 -1.28
CA GLN B 76 -22.11 19.62 0.05
C GLN B 76 -22.81 18.26 0.00
N LEU B 77 -22.50 17.40 0.96
CA LEU B 77 -23.10 16.06 0.97
C LEU B 77 -24.39 16.00 1.77
N HIS B 78 -25.46 15.61 1.10
CA HIS B 78 -26.67 15.31 1.84
C HIS B 78 -27.33 14.05 1.29
N PHE B 79 -27.47 13.07 2.17
CA PHE B 79 -28.11 11.84 1.80
C PHE B 79 -29.60 12.06 1.87
N ALA B 80 -30.30 11.56 0.87
CA ALA B 80 -31.75 11.64 0.84
C ALA B 80 -32.30 10.24 0.69
N GLN B 81 -33.50 10.04 1.22
CA GLN B 81 -34.20 8.78 1.08
C GLN B 81 -34.65 8.76 -0.38
N PRO B 82 -34.65 7.58 -0.99
CA PRO B 82 -35.08 7.43 -2.37
C PRO B 82 -36.49 7.95 -2.59
N THR B 83 -36.72 8.59 -3.73
CA THR B 83 -38.06 8.96 -4.11
C THR B 83 -38.31 8.38 -5.50
N THR B 84 -39.54 7.98 -5.77
CA THR B 84 -39.86 7.41 -7.07
C THR B 84 -39.78 8.49 -8.14
N GLY B 85 -38.95 8.27 -9.14
CA GLY B 85 -38.82 9.22 -10.22
C GLY B 85 -37.48 9.09 -10.89
N PRO B 86 -37.16 10.03 -11.77
CA PRO B 86 -35.88 10.04 -12.47
C PRO B 86 -34.70 10.12 -11.50
N ALA B 87 -33.56 9.59 -11.91
CA ALA B 87 -32.36 9.70 -11.10
C ALA B 87 -31.17 9.73 -12.04
N SER B 88 -30.08 10.36 -11.60
CA SER B 88 -28.91 10.43 -12.44
C SER B 88 -27.83 9.48 -11.92
N TRP B 89 -27.35 8.62 -12.81
CA TRP B 89 -26.24 7.75 -12.49
C TRP B 89 -25.01 8.56 -12.91
N CYS B 90 -24.26 9.03 -11.93
CA CYS B 90 -23.12 9.90 -12.18
C CYS B 90 -21.86 9.14 -12.55
N THR B 91 -21.81 8.66 -13.79
CA THR B 91 -20.66 7.88 -14.23
C THR B 91 -19.51 8.77 -14.70
N ALA B 92 -18.33 8.17 -14.83
CA ALA B 92 -17.13 8.87 -15.29
C ALA B 92 -17.22 9.25 -16.76
N THR B 93 -18.13 8.61 -17.48
CA THR B 93 -18.32 8.91 -18.90
C THR B 93 -19.50 9.85 -19.13
N GLY B 94 -20.06 10.35 -18.03
CA GLY B 94 -21.18 11.30 -18.09
C GLY B 94 -22.35 10.87 -17.23
N ASP B 95 -23.37 11.72 -17.13
CA ASP B 95 -24.56 11.36 -16.37
C ASP B 95 -25.50 10.53 -17.20
N GLU B 96 -26.00 9.45 -16.61
CA GLU B 96 -26.98 8.59 -17.27
C GLU B 96 -28.30 8.72 -16.53
N GLU B 97 -29.38 9.01 -17.26
CA GLU B 97 -30.69 9.22 -16.65
C GLU B 97 -31.47 7.92 -16.58
N GLY B 98 -31.90 7.53 -15.40
CA GLY B 98 -32.67 6.32 -15.27
C GLY B 98 -33.86 6.45 -14.36
N LEU B 99 -34.54 5.34 -14.13
CA LEU B 99 -35.69 5.31 -13.25
C LEU B 99 -35.27 4.77 -11.89
N LEU B 100 -35.67 5.48 -10.85
CA LEU B 100 -35.39 5.01 -9.51
C LEU B 100 -36.67 4.87 -8.69
N SER B 101 -36.73 3.76 -7.96
CA SER B 101 -37.77 3.51 -6.96
C SER B 101 -37.23 2.46 -6.01
N GLY B 102 -37.85 2.35 -4.82
CA GLY B 102 -37.43 1.32 -3.88
C GLY B 102 -37.49 -0.08 -4.49
N GLU B 103 -38.52 -0.33 -5.30
CA GLU B 103 -38.76 -1.65 -5.87
C GLU B 103 -37.97 -1.97 -7.14
N VAL B 104 -37.89 -1.00 -8.05
CA VAL B 104 -37.30 -1.22 -9.36
C VAL B 104 -36.45 -0.03 -9.83
N CYS B 105 -35.22 -0.32 -10.25
CA CYS B 105 -34.34 0.71 -10.78
C CYS B 105 -33.94 0.37 -12.21
N LEU B 106 -34.05 1.34 -13.11
CA LEU B 106 -33.65 1.12 -14.49
C LEU B 106 -32.59 2.14 -14.92
N ALA B 107 -31.56 1.64 -15.59
CA ALA B 107 -30.46 2.47 -16.10
C ALA B 107 -29.53 1.62 -16.93
N TRP B 108 -29.10 2.15 -18.06
CA TRP B 108 -28.13 1.41 -18.86
C TRP B 108 -26.72 1.71 -18.39
N THR B 109 -26.08 0.70 -17.82
CA THR B 109 -24.74 0.86 -17.29
C THR B 109 -23.85 -0.27 -17.76
N THR B 110 -22.54 -0.06 -17.64
CA THR B 110 -21.59 -1.10 -17.95
C THR B 110 -20.77 -1.35 -16.69
N SER B 111 -19.85 -2.30 -16.77
CA SER B 111 -18.94 -2.52 -15.66
C SER B 111 -18.03 -1.30 -15.68
N GLY B 112 -17.77 -0.74 -14.51
CA GLY B 112 -16.95 0.46 -14.42
C GLY B 112 -17.82 1.57 -13.88
N ASP B 113 -19.12 1.44 -14.12
CA ASP B 113 -20.09 2.38 -13.59
C ASP B 113 -20.43 1.97 -12.17
N SER B 114 -20.06 0.75 -11.79
CA SER B 114 -20.29 0.29 -10.42
C SER B 114 -19.62 1.27 -9.46
N GLY B 115 -20.39 1.76 -8.50
CA GLY B 115 -19.89 2.73 -7.56
C GLY B 115 -20.28 4.15 -7.90
N SER B 116 -20.88 4.36 -9.08
CA SER B 116 -21.36 5.69 -9.47
C SER B 116 -22.37 6.20 -8.46
N ALA B 117 -22.22 7.46 -8.06
CA ALA B 117 -23.18 8.08 -7.17
C ALA B 117 -24.52 8.15 -7.92
N VAL B 118 -25.60 7.77 -7.24
CA VAL B 118 -26.92 7.90 -7.85
C VAL B 118 -27.58 9.06 -7.15
N VAL B 119 -27.90 10.10 -7.93
CA VAL B 119 -28.43 11.32 -7.36
C VAL B 119 -29.81 11.73 -7.85
N GLN B 120 -30.54 12.38 -6.95
CA GLN B 120 -31.81 12.99 -7.28
C GLN B 120 -31.65 14.42 -6.82
N GLY B 121 -31.71 15.36 -7.75
CA GLY B 121 -31.49 16.76 -7.46
C GLY B 121 -30.07 16.98 -7.01
N ASP B 122 -29.88 17.54 -5.81
CA ASP B 122 -28.55 17.77 -5.26
C ASP B 122 -28.18 16.70 -4.24
N ALA B 123 -29.00 15.67 -4.11
CA ALA B 123 -28.75 14.69 -3.04
C ALA B 123 -28.39 13.28 -3.50
N VAL B 124 -27.50 12.64 -2.74
CA VAL B 124 -27.09 11.26 -2.98
C VAL B 124 -28.12 10.29 -2.42
N VAL B 125 -28.61 9.37 -3.26
CA VAL B 125 -29.58 8.38 -2.82
C VAL B 125 -28.86 7.07 -2.53
N GLY B 126 -27.83 6.79 -3.32
CA GLY B 126 -27.06 5.58 -3.11
C GLY B 126 -25.97 5.42 -4.14
N VAL B 127 -25.40 4.22 -4.23
CA VAL B 127 -24.41 3.97 -5.24
C VAL B 127 -24.87 2.85 -6.16
N HIS B 128 -24.47 2.93 -7.42
CA HIS B 128 -24.82 1.90 -8.38
C HIS B 128 -24.09 0.60 -8.08
N THR B 129 -24.86 -0.48 -7.93
CA THR B 129 -24.34 -1.76 -7.49
C THR B 129 -24.14 -2.79 -8.59
N GLY B 130 -25.16 -3.01 -9.41
CA GLY B 130 -25.09 -4.03 -10.44
C GLY B 130 -26.32 -4.05 -11.30
N SER B 131 -26.51 -5.11 -12.07
CA SER B 131 -27.64 -5.12 -12.98
C SER B 131 -28.02 -6.44 -13.62
N ASN B 132 -28.92 -6.30 -14.57
CA ASN B 132 -29.34 -7.29 -15.55
C ASN B 132 -29.47 -6.33 -16.70
N THR B 133 -28.32 -6.04 -17.32
CA THR B 133 -28.14 -4.97 -18.32
C THR B 133 -29.38 -4.36 -19.01
N SER B 134 -30.30 -5.22 -19.46
CA SER B 134 -31.48 -4.78 -20.21
C SER B 134 -32.42 -3.88 -19.41
N GLY B 135 -31.89 -2.73 -18.97
CA GLY B 135 -32.65 -1.79 -18.19
C GLY B 135 -32.34 -1.89 -16.72
N VAL B 136 -32.63 -3.05 -16.12
CA VAL B 136 -32.56 -3.30 -14.68
C VAL B 136 -31.25 -2.95 -13.97
N ALA B 137 -31.34 -2.12 -12.92
CA ALA B 137 -30.17 -1.80 -12.11
C ALA B 137 -30.47 -2.01 -10.61
N TYR B 138 -29.42 -2.09 -9.80
CA TYR B 138 -29.59 -2.17 -8.34
C TYR B 138 -28.80 -1.04 -7.69
N VAL B 139 -29.40 -0.38 -6.71
CA VAL B 139 -28.78 0.75 -6.02
C VAL B 139 -28.77 0.52 -4.51
N THR B 140 -27.60 0.68 -3.89
CA THR B 140 -27.49 0.52 -2.46
C THR B 140 -27.47 1.87 -1.75
N THR B 141 -28.34 2.06 -0.77
CA THR B 141 -28.35 3.30 0.02
C THR B 141 -27.25 3.27 1.08
N PRO B 142 -26.95 4.43 1.67
CA PRO B 142 -25.98 4.54 2.78
C PRO B 142 -26.27 3.58 3.94
N SER B 143 -27.53 3.22 4.13
CA SER B 143 -27.88 2.31 5.20
C SER B 143 -27.91 0.84 4.76
N GLY B 144 -27.34 0.54 3.59
CA GLY B 144 -27.25 -0.83 3.10
C GLY B 144 -28.52 -1.44 2.51
N LYS B 145 -29.53 -0.63 2.24
CA LYS B 145 -30.74 -1.16 1.62
C LYS B 145 -30.54 -1.32 0.13
N LEU B 146 -30.84 -2.50 -0.41
CA LEU B 146 -30.75 -2.72 -1.84
C LEU B 146 -32.04 -2.31 -2.55
N LEU B 147 -31.97 -1.24 -3.32
CA LEU B 147 -33.11 -0.78 -4.10
C LEU B 147 -33.07 -1.47 -5.44
N GLY B 148 -34.23 -1.87 -5.95
CA GLY B 148 -34.31 -2.46 -7.27
C GLY B 148 -34.60 -3.94 -7.33
N ALA B 149 -34.86 -4.58 -6.19
CA ALA B 149 -35.06 -6.03 -6.18
C ALA B 149 -36.51 -6.55 -6.01
N ASP B 150 -37.48 -5.65 -5.91
CA ASP B 150 -38.88 -6.05 -5.71
C ASP B 150 -39.70 -5.83 -6.97
N THR B 151 -41.03 -5.92 -6.87
CA THR B 151 -41.89 -5.62 -8.00
C THR B 151 -42.79 -4.43 -7.72
N VAL B 152 -43.31 -3.85 -8.79
CA VAL B 152 -44.20 -2.71 -8.68
C VAL B 152 -45.11 -2.68 -9.90
N THR B 153 -46.33 -2.21 -9.73
CA THR B 153 -47.22 -2.14 -10.88
C THR B 153 -46.96 -0.83 -11.61
N LEU B 154 -47.28 -0.80 -12.90
CA LEU B 154 -47.15 0.41 -13.68
C LEU B 154 -48.07 1.50 -13.18
N SER B 155 -49.25 1.11 -12.68
CA SER B 155 -50.22 2.09 -12.21
C SER B 155 -49.70 2.81 -10.96
N SER B 156 -48.94 2.08 -10.13
CA SER B 156 -48.36 2.69 -8.92
C SER B 156 -47.23 3.65 -9.27
N LEU B 157 -46.35 3.23 -10.18
CA LEU B 157 -45.27 4.07 -10.68
C LEU B 157 -45.84 5.28 -11.37
N SER B 158 -46.96 5.10 -12.08
CA SER B 158 -47.58 6.20 -12.84
C SER B 158 -47.97 7.41 -11.99
N LYS B 159 -48.28 7.15 -10.72
CA LYS B 159 -48.68 8.20 -9.79
C LYS B 159 -47.59 9.25 -9.61
N HIS B 160 -46.35 8.87 -9.87
CA HIS B 160 -45.21 9.76 -9.65
C HIS B 160 -44.70 10.47 -10.90
N PHE B 161 -45.42 10.34 -12.01
CA PHE B 161 -44.97 10.91 -13.27
C PHE B 161 -46.03 11.78 -13.97
N THR B 162 -45.56 12.73 -14.77
CA THR B 162 -46.45 13.66 -15.46
C THR B 162 -46.39 13.50 -16.98
N GLY B 163 -47.31 14.15 -17.66
CA GLY B 163 -47.36 14.09 -19.12
C GLY B 163 -48.56 13.33 -19.64
N PRO B 164 -48.87 13.55 -20.92
CA PRO B 164 -50.02 12.92 -21.57
C PRO B 164 -49.89 11.41 -21.62
N LEU B 165 -51.00 10.73 -21.44
CA LEU B 165 -51.00 9.27 -21.48
C LEU B 165 -50.38 8.75 -22.77
N THR B 166 -49.45 7.81 -22.61
CA THR B 166 -48.65 7.26 -23.69
C THR B 166 -48.66 5.74 -23.62
N SER B 167 -48.76 5.07 -24.77
CA SER B 167 -48.74 3.60 -24.81
C SER B 167 -47.44 3.09 -24.18
N ILE B 168 -47.52 1.97 -23.45
CA ILE B 168 -46.34 1.41 -22.78
C ILE B 168 -45.35 0.80 -23.78
N PRO B 169 -44.05 0.94 -23.50
CA PRO B 169 -43.01 0.38 -24.37
C PRO B 169 -43.10 -1.14 -24.45
N LYS B 170 -42.56 -1.71 -25.52
CA LYS B 170 -42.65 -3.15 -25.74
C LYS B 170 -41.80 -4.00 -24.80
N ASP B 171 -40.61 -3.54 -24.45
CA ASP B 171 -39.75 -4.30 -23.54
C ASP B 171 -39.83 -3.77 -22.12
N ILE B 172 -40.67 -4.42 -21.32
CA ILE B 172 -40.81 -4.06 -19.92
C ILE B 172 -40.26 -5.21 -19.09
N PRO B 173 -39.36 -4.90 -18.15
CA PRO B 173 -38.80 -5.92 -17.25
C PRO B 173 -39.89 -6.62 -16.46
N ASP B 174 -39.67 -7.89 -16.14
CA ASP B 174 -40.65 -8.72 -15.44
C ASP B 174 -41.14 -8.18 -14.11
N ASN B 175 -40.27 -7.50 -13.37
CA ASN B 175 -40.67 -6.99 -12.06
C ASN B 175 -41.50 -5.72 -12.11
N ILE B 176 -41.78 -5.21 -13.31
CA ILE B 176 -42.74 -4.14 -13.44
C ILE B 176 -43.99 -4.83 -13.97
N ILE B 177 -45.04 -4.85 -13.16
CA ILE B 177 -46.28 -5.50 -13.55
C ILE B 177 -47.10 -4.55 -14.42
N ALA B 178 -47.28 -4.92 -15.68
CA ALA B 178 -48.02 -4.08 -16.61
C ALA B 178 -49.53 -4.23 -16.43
N ASP B 179 -50.07 -3.58 -15.40
CA ASP B 179 -51.50 -3.70 -15.11
C ASP B 179 -52.38 -2.70 -15.87
N VAL B 180 -51.74 -1.76 -16.59
CA VAL B 180 -52.44 -0.79 -17.45
C VAL B 180 -51.72 -0.73 -18.79
N ASP B 181 -52.36 -0.13 -19.79
CA ASP B 181 -51.83 -0.05 -21.14
C ASP B 181 -51.26 1.32 -21.52
N ALA B 182 -51.42 2.30 -20.62
CA ALA B 182 -50.94 3.64 -20.89
C ALA B 182 -50.40 4.27 -19.61
N VAL B 183 -49.34 5.07 -19.75
CA VAL B 183 -48.73 5.76 -18.61
C VAL B 183 -48.40 7.21 -19.00
N PRO B 184 -48.20 8.09 -18.02
CA PRO B 184 -47.78 9.46 -18.30
C PRO B 184 -46.51 9.45 -19.15
N ARG B 185 -46.48 10.34 -20.12
CA ARG B 185 -45.38 10.45 -21.08
C ARG B 185 -43.98 10.38 -20.49
N SER B 186 -43.72 11.11 -19.40
CA SER B 186 -42.39 11.13 -18.81
C SER B 186 -41.92 9.75 -18.33
N LEU B 187 -42.84 8.92 -17.85
CA LEU B 187 -42.50 7.56 -17.45
C LEU B 187 -42.19 6.69 -18.68
N ALA B 188 -43.05 6.81 -19.69
CA ALA B 188 -42.85 6.08 -20.94
C ALA B 188 -41.55 6.48 -21.63
N MET B 189 -41.26 7.78 -21.67
CA MET B 189 -40.06 8.27 -22.34
C MET B 189 -38.80 7.85 -21.60
N LEU B 190 -38.91 7.72 -20.28
CA LEU B 190 -37.80 7.32 -19.45
C LEU B 190 -37.43 5.87 -19.74
N ILE B 191 -38.43 4.99 -19.77
CA ILE B 191 -38.23 3.57 -20.04
C ILE B 191 -37.76 3.33 -21.49
N ASP B 192 -36.49 3.60 -21.73
CA ASP B 192 -35.86 3.46 -23.04
C ASP B 192 -34.34 3.46 -22.93
N LYS C 1 -2.98 -28.71 9.50
CA LYS C 1 -1.72 -27.90 9.51
C LYS C 1 -1.21 -27.67 8.09
N ALA C 2 -0.95 -26.40 7.76
CA ALA C 2 -0.45 -26.03 6.44
C ALA C 2 1.01 -26.39 6.24
N ARG C 3 1.46 -26.32 5.00
CA ARG C 3 2.86 -26.58 4.68
C ARG C 3 3.69 -25.37 5.15
N GLY C 4 4.95 -25.63 5.47
CA GLY C 4 5.84 -24.60 5.97
C GLY C 4 6.12 -23.42 5.05
N ASN C 5 5.77 -23.54 3.77
CA ASN C 5 5.98 -22.44 2.83
C ASN C 5 4.69 -21.72 2.48
N VAL C 6 3.62 -22.02 3.21
CA VAL C 6 2.31 -21.43 2.93
C VAL C 6 2.03 -20.29 3.88
N GLY C 7 1.54 -19.18 3.34
CA GLY C 7 1.23 -18.03 4.18
C GLY C 7 -0.04 -17.32 3.78
N PHE C 8 -0.31 -16.23 4.49
CA PHE C 8 -1.48 -15.39 4.26
C PHE C 8 -1.09 -14.16 3.44
N VAL C 9 -1.98 -13.77 2.53
CA VAL C 9 -1.76 -12.62 1.68
C VAL C 9 -2.94 -11.68 1.81
N ALA C 10 -2.65 -10.40 2.01
CA ALA C 10 -3.70 -9.40 2.09
C ALA C 10 -3.43 -8.27 1.10
N GLY C 11 -4.31 -8.14 0.11
CA GLY C 11 -4.25 -7.07 -0.88
C GLY C 11 -5.62 -6.44 -0.86
N SER C 12 -6.30 -6.38 -2.01
CA SER C 12 -7.67 -5.87 -2.05
C SER C 12 -8.62 -6.90 -1.44
N SER C 13 -8.16 -8.13 -1.36
CA SER C 13 -8.89 -9.19 -0.71
C SER C 13 -7.95 -10.02 0.16
N TYR C 14 -8.50 -11.01 0.83
CA TYR C 14 -7.72 -11.88 1.70
C TYR C 14 -7.53 -13.24 1.06
N GLY C 15 -6.28 -13.72 1.05
CA GLY C 15 -6.02 -14.98 0.41
C GLY C 15 -4.84 -15.74 0.98
N THR C 16 -4.34 -16.67 0.16
CA THR C 16 -3.27 -17.55 0.56
C THR C 16 -2.11 -17.35 -0.40
N GLY C 17 -0.89 -17.53 0.08
CA GLY C 17 0.27 -17.45 -0.78
C GLY C 17 1.25 -18.57 -0.46
N SER C 18 2.29 -18.69 -1.26
CA SER C 18 3.31 -19.70 -1.03
C SER C 18 4.70 -19.15 -1.39
N VAL C 19 5.71 -19.57 -0.64
CA VAL C 19 7.05 -19.03 -0.83
C VAL C 19 7.99 -20.10 -1.38
N TRP C 20 8.80 -19.72 -2.36
CA TRP C 20 9.67 -20.68 -3.03
C TRP C 20 11.07 -20.13 -3.27
N THR C 21 11.98 -21.03 -3.62
CA THR C 21 13.32 -20.66 -4.01
C THR C 21 13.45 -20.87 -5.52
N ARG C 22 14.07 -19.92 -6.22
CA ARG C 22 14.36 -20.09 -7.64
C ARG C 22 15.71 -19.47 -7.95
N ASN C 23 16.76 -20.29 -7.95
CA ASN C 23 18.14 -19.82 -8.20
C ASN C 23 18.51 -18.53 -7.46
N ASN C 24 18.57 -18.62 -6.13
CA ASN C 24 18.92 -17.47 -5.28
C ASN C 24 17.96 -16.27 -5.32
N GLU C 25 16.76 -16.54 -5.81
CA GLU C 25 15.70 -15.54 -5.84
C GLU C 25 14.62 -16.17 -4.99
N VAL C 26 13.91 -15.35 -4.22
CA VAL C 26 12.80 -15.89 -3.45
C VAL C 26 11.52 -15.49 -4.17
N VAL C 27 10.67 -16.48 -4.47
CA VAL C 27 9.46 -16.23 -5.25
C VAL C 27 8.19 -16.41 -4.42
N VAL C 28 7.28 -15.43 -4.50
CA VAL C 28 6.01 -15.54 -3.82
C VAL C 28 4.85 -15.62 -4.81
N LEU C 29 4.05 -16.68 -4.71
CA LEU C 29 2.88 -16.84 -5.60
C LEU C 29 1.56 -16.64 -4.87
N THR C 30 0.56 -16.16 -5.62
CA THR C 30 -0.79 -15.96 -5.08
C THR C 30 -1.73 -15.66 -6.24
N ALA C 31 -2.96 -15.27 -5.96
CA ALA C 31 -3.92 -14.96 -7.00
C ALA C 31 -3.99 -13.46 -7.20
N SER C 32 -4.08 -13.04 -8.46
CA SER C 32 -4.14 -11.61 -8.80
C SER C 32 -5.33 -10.88 -8.18
N HIS C 33 -6.47 -11.54 -8.08
CA HIS C 33 -7.64 -10.86 -7.53
C HIS C 33 -7.50 -10.66 -6.02
N VAL C 34 -6.62 -11.43 -5.38
CA VAL C 34 -6.34 -11.22 -3.96
C VAL C 34 -5.51 -9.94 -3.79
N VAL C 35 -4.51 -9.79 -4.67
CA VAL C 35 -3.64 -8.62 -4.70
C VAL C 35 -4.41 -7.33 -5.01
N GLY C 36 -5.15 -7.34 -6.11
CA GLY C 36 -5.88 -6.14 -6.47
C GLY C 36 -5.13 -5.26 -7.44
N ARG C 37 -5.81 -4.21 -7.89
CA ARG C 37 -5.31 -3.31 -8.93
C ARG C 37 -4.02 -2.53 -8.59
N ALA C 38 -3.77 -2.27 -7.31
CA ALA C 38 -2.56 -1.53 -6.95
C ALA C 38 -1.28 -2.39 -7.03
N ASN C 39 -1.44 -3.65 -7.42
CA ASN C 39 -0.34 -4.61 -7.60
C ASN C 39 0.52 -4.92 -6.37
N MET C 40 0.12 -4.40 -5.21
CA MET C 40 0.84 -4.64 -3.98
C MET C 40 -0.01 -5.41 -2.98
N ALA C 41 0.64 -6.29 -2.23
CA ALA C 41 -0.03 -7.06 -1.20
C ALA C 41 0.99 -7.45 -0.15
N THR C 42 0.51 -7.79 1.04
CA THR C 42 1.41 -8.13 2.12
C THR C 42 1.33 -9.61 2.43
N LEU C 43 2.50 -10.23 2.54
CA LEU C 43 2.58 -11.63 2.90
C LEU C 43 2.89 -11.80 4.38
N LYS C 44 2.13 -12.68 5.02
CA LYS C 44 2.38 -13.02 6.42
C LYS C 44 2.68 -14.51 6.49
N ILE C 45 3.91 -14.85 6.83
CA ILE C 45 4.31 -16.25 7.00
C ILE C 45 5.28 -16.38 8.17
N GLY C 46 4.93 -17.23 9.12
CA GLY C 46 5.74 -17.38 10.32
C GLY C 46 5.65 -16.05 11.06
N ASP C 47 6.80 -15.53 11.47
CA ASP C 47 6.85 -14.26 12.17
C ASP C 47 7.09 -13.10 11.21
N ALA C 48 7.29 -13.44 9.93
CA ALA C 48 7.60 -12.44 8.92
C ALA C 48 6.39 -11.72 8.31
N MET C 49 6.57 -10.44 8.02
CA MET C 49 5.56 -9.64 7.35
C MET C 49 6.31 -8.84 6.29
N LEU C 50 5.87 -8.91 5.05
CA LEU C 50 6.56 -8.25 3.96
C LEU C 50 5.58 -7.85 2.85
N THR C 51 5.65 -6.60 2.43
CA THR C 51 4.83 -6.12 1.34
C THR C 51 5.60 -6.30 0.05
N LEU C 52 4.90 -6.74 -0.99
CA LEU C 52 5.55 -7.09 -2.26
C LEU C 52 4.77 -6.56 -3.45
N THR C 53 5.47 -6.40 -4.57
CA THR C 53 4.87 -5.99 -5.84
C THR C 53 4.71 -7.25 -6.69
N PHE C 54 3.54 -7.44 -7.29
CA PHE C 54 3.27 -8.64 -8.06
C PHE C 54 3.15 -8.41 -9.56
N LYS C 55 3.73 -9.32 -10.35
CA LYS C 55 3.52 -9.34 -11.78
C LYS C 55 2.41 -10.34 -12.03
N LYS C 56 1.51 -10.02 -12.96
CA LYS C 56 0.33 -10.81 -13.19
C LYS C 56 0.22 -11.38 -14.60
N ASN C 57 -0.33 -12.60 -14.69
CA ASN C 57 -0.73 -13.20 -15.93
C ASN C 57 -2.11 -13.81 -15.66
N GLY C 58 -3.15 -13.08 -16.07
CA GLY C 58 -4.50 -13.43 -15.66
C GLY C 58 -4.53 -13.42 -14.14
N ASP C 59 -5.13 -14.45 -13.54
CA ASP C 59 -5.23 -14.51 -12.08
C ASP C 59 -3.98 -15.09 -11.38
N PHE C 60 -2.94 -15.40 -12.15
CA PHE C 60 -1.69 -15.91 -11.57
C PHE C 60 -0.78 -14.72 -11.20
N ALA C 61 -0.40 -14.62 -9.94
CA ALA C 61 0.41 -13.51 -9.47
C ALA C 61 1.74 -13.94 -8.87
N GLU C 62 2.83 -13.32 -9.30
CA GLU C 62 4.16 -13.67 -8.82
C GLU C 62 4.98 -12.46 -8.37
N ALA C 63 5.57 -12.56 -7.18
CA ALA C 63 6.45 -11.53 -6.65
C ALA C 63 7.80 -12.17 -6.40
N VAL C 64 8.85 -11.37 -6.51
CA VAL C 64 10.19 -11.87 -6.28
C VAL C 64 10.85 -11.03 -5.20
N THR C 65 11.69 -11.66 -4.41
CA THR C 65 12.43 -10.95 -3.39
C THR C 65 13.72 -11.73 -3.15
N THR C 66 14.37 -11.54 -2.02
CA THR C 66 15.62 -12.24 -1.74
C THR C 66 15.62 -12.86 -0.34
N GLN C 67 16.58 -13.75 -0.11
CA GLN C 67 16.74 -14.38 1.20
C GLN C 67 17.01 -13.32 2.24
N SER C 68 17.78 -12.29 1.86
CA SER C 68 18.07 -11.19 2.75
C SER C 68 16.80 -10.50 3.25
N GLU C 69 15.74 -10.47 2.43
CA GLU C 69 14.48 -9.84 2.85
C GLU C 69 13.45 -10.84 3.41
N LEU C 70 13.49 -12.08 2.91
CA LEU C 70 12.54 -13.11 3.35
C LEU C 70 13.29 -14.44 3.49
N PRO C 71 14.03 -14.60 4.59
CA PRO C 71 14.87 -15.78 4.81
C PRO C 71 14.08 -17.04 5.13
N GLY C 72 14.61 -18.18 4.69
CA GLY C 72 13.98 -19.45 4.99
C GLY C 72 14.39 -20.50 3.98
N ASN C 73 14.31 -21.77 4.37
CA ASN C 73 14.63 -22.83 3.43
C ASN C 73 13.40 -23.18 2.64
N TRP C 74 13.06 -22.31 1.70
CA TRP C 74 11.89 -22.48 0.88
C TRP C 74 12.12 -23.53 -0.19
N PRO C 75 11.14 -24.40 -0.41
CA PRO C 75 11.22 -25.44 -1.43
C PRO C 75 11.46 -24.81 -2.80
N GLN C 76 12.21 -25.49 -3.66
CA GLN C 76 12.49 -24.97 -4.99
C GLN C 76 11.22 -25.00 -5.86
N LEU C 77 11.11 -24.02 -6.75
CA LEU C 77 9.94 -23.87 -7.60
C LEU C 77 10.15 -24.47 -8.99
N HIS C 78 9.25 -25.36 -9.36
CA HIS C 78 9.25 -25.90 -10.71
C HIS C 78 7.82 -25.99 -11.15
N PHE C 79 7.52 -25.34 -12.28
CA PHE C 79 6.18 -25.36 -12.86
C PHE C 79 6.07 -26.57 -13.78
N ALA C 80 4.92 -27.23 -13.77
CA ALA C 80 4.70 -28.36 -14.68
C ALA C 80 3.41 -28.15 -15.45
N GLN C 81 3.28 -28.79 -16.60
CA GLN C 81 2.04 -28.72 -17.35
C GLN C 81 1.04 -29.55 -16.57
N PRO C 82 -0.22 -29.15 -16.58
CA PRO C 82 -1.25 -29.89 -15.86
C PRO C 82 -1.43 -31.29 -16.42
N THR C 83 -1.75 -32.22 -15.54
CA THR C 83 -2.07 -33.56 -15.99
C THR C 83 -3.33 -34.02 -15.26
N THR C 84 -4.17 -34.77 -15.95
CA THR C 84 -5.41 -35.24 -15.37
C THR C 84 -5.11 -36.21 -14.24
N GLY C 85 -5.58 -35.87 -13.06
CA GLY C 85 -5.37 -36.70 -11.90
C GLY C 85 -5.51 -35.89 -10.64
N PRO C 86 -5.18 -36.51 -9.50
CA PRO C 86 -5.23 -35.83 -8.21
C PRO C 86 -4.25 -34.67 -8.17
N ALA C 87 -4.55 -33.69 -7.33
CA ALA C 87 -3.69 -32.53 -7.14
C ALA C 87 -3.91 -32.09 -5.71
N SER C 88 -2.97 -31.35 -5.17
CA SER C 88 -3.12 -30.87 -3.80
C SER C 88 -3.25 -29.36 -3.73
N TRP C 89 -4.30 -28.87 -3.08
CA TRP C 89 -4.49 -27.45 -2.87
C TRP C 89 -3.85 -27.07 -1.55
N CYS C 90 -2.81 -26.24 -1.60
CA CYS C 90 -2.04 -25.91 -0.39
C CYS C 90 -2.55 -24.71 0.36
N THR C 91 -3.64 -24.91 1.11
CA THR C 91 -4.28 -23.84 1.84
C THR C 91 -3.59 -23.60 3.18
N ALA C 92 -4.00 -22.55 3.88
CA ALA C 92 -3.42 -22.17 5.16
C ALA C 92 -3.88 -23.01 6.36
N THR C 93 -4.89 -23.86 6.15
CA THR C 93 -5.36 -24.73 7.22
C THR C 93 -5.04 -26.19 6.91
N GLY C 94 -4.24 -26.40 5.87
CA GLY C 94 -3.85 -27.74 5.47
C GLY C 94 -4.08 -28.01 4.00
N ASP C 95 -3.50 -29.09 3.51
CA ASP C 95 -3.65 -29.48 2.12
C ASP C 95 -5.04 -30.05 1.87
N GLU C 96 -5.62 -29.68 0.73
CA GLU C 96 -6.92 -30.18 0.33
C GLU C 96 -6.74 -30.98 -0.96
N GLU C 97 -7.09 -32.25 -0.92
CA GLU C 97 -6.86 -33.12 -2.07
C GLU C 97 -8.02 -33.02 -3.04
N GLY C 98 -7.70 -32.71 -4.29
CA GLY C 98 -8.73 -32.53 -5.28
C GLY C 98 -8.42 -33.17 -6.61
N LEU C 99 -9.28 -32.89 -7.59
CA LEU C 99 -9.09 -33.39 -8.94
C LEU C 99 -8.68 -32.24 -9.81
N LEU C 100 -7.69 -32.47 -10.64
CA LEU C 100 -7.24 -31.47 -11.58
C LEU C 100 -7.20 -32.05 -12.98
N SER C 101 -7.66 -31.23 -13.93
CA SER C 101 -7.59 -31.53 -15.35
C SER C 101 -7.77 -30.20 -16.07
N GLY C 102 -7.43 -30.19 -17.36
CA GLY C 102 -7.55 -28.98 -18.15
C GLY C 102 -8.99 -28.49 -18.20
N GLU C 103 -9.90 -29.44 -18.36
CA GLU C 103 -11.31 -29.15 -18.52
C GLU C 103 -12.06 -28.88 -17.21
N VAL C 104 -11.79 -29.69 -16.19
CA VAL C 104 -12.54 -29.64 -14.94
C VAL C 104 -11.65 -29.85 -13.70
N CYS C 105 -11.81 -28.99 -12.71
CA CYS C 105 -11.09 -29.15 -11.44
C CYS C 105 -12.08 -29.20 -10.31
N LEU C 106 -11.84 -30.09 -9.37
CA LEU C 106 -12.73 -30.26 -8.24
C LEU C 106 -11.95 -30.16 -6.94
N ALA C 107 -12.41 -29.30 -6.03
CA ALA C 107 -11.81 -29.13 -4.70
C ALA C 107 -12.70 -28.32 -3.80
N TRP C 108 -12.84 -28.75 -2.54
CA TRP C 108 -13.61 -27.98 -1.58
C TRP C 108 -12.73 -26.88 -1.05
N THR C 109 -13.14 -25.62 -1.23
CA THR C 109 -12.36 -24.49 -0.73
C THR C 109 -13.28 -23.42 -0.19
N THR C 110 -12.68 -22.43 0.47
CA THR C 110 -13.40 -21.25 0.93
C THR C 110 -12.82 -20.04 0.21
N SER C 111 -13.34 -18.86 0.53
CA SER C 111 -12.88 -17.60 -0.05
C SER C 111 -11.39 -17.34 0.16
N GLY C 112 -10.97 -17.45 1.42
CA GLY C 112 -9.57 -17.22 1.78
C GLY C 112 -8.56 -18.18 1.19
N ASP C 113 -9.02 -19.23 0.51
CA ASP C 113 -8.14 -20.20 -0.12
C ASP C 113 -7.64 -19.74 -1.48
N SER C 114 -8.23 -18.66 -1.98
CA SER C 114 -7.80 -18.11 -3.26
C SER C 114 -6.32 -17.76 -3.19
N GLY C 115 -5.57 -18.18 -4.19
CA GLY C 115 -4.15 -17.95 -4.21
C GLY C 115 -3.34 -19.17 -3.81
N SER C 116 -3.96 -20.16 -3.16
CA SER C 116 -3.23 -21.35 -2.75
C SER C 116 -2.53 -21.97 -3.93
N ALA C 117 -1.30 -22.42 -3.72
CA ALA C 117 -0.57 -23.11 -4.77
C ALA C 117 -1.25 -24.45 -5.01
N VAL C 118 -1.44 -24.80 -6.28
CA VAL C 118 -2.02 -26.11 -6.58
C VAL C 118 -0.88 -26.95 -7.12
N VAL C 119 -0.62 -28.07 -6.48
CA VAL C 119 0.54 -28.88 -6.83
C VAL C 119 0.22 -30.31 -7.24
N GLN C 120 1.00 -30.81 -8.18
CA GLN C 120 0.90 -32.20 -8.56
C GLN C 120 2.28 -32.77 -8.32
N GLY C 121 2.41 -33.48 -7.19
CA GLY C 121 3.67 -34.04 -6.77
C GLY C 121 4.47 -32.98 -6.06
N ASP C 122 5.60 -32.61 -6.63
CA ASP C 122 6.43 -31.55 -6.05
C ASP C 122 6.44 -30.36 -6.99
N ALA C 123 5.55 -30.37 -7.98
CA ALA C 123 5.52 -29.30 -8.95
C ALA C 123 4.25 -28.45 -8.90
N VAL C 124 4.41 -27.14 -9.02
CA VAL C 124 3.28 -26.22 -9.04
C VAL C 124 2.65 -26.17 -10.43
N VAL C 125 1.36 -26.45 -10.52
CA VAL C 125 0.67 -26.36 -11.80
C VAL C 125 -0.06 -25.01 -11.94
N GLY C 126 -0.30 -24.33 -10.81
CA GLY C 126 -0.98 -23.06 -10.83
C GLY C 126 -1.47 -22.62 -9.46
N VAL C 127 -2.27 -21.55 -9.43
CA VAL C 127 -2.85 -21.10 -8.16
C VAL C 127 -4.36 -21.23 -8.21
N HIS C 128 -4.96 -21.41 -7.05
CA HIS C 128 -6.41 -21.53 -6.93
C HIS C 128 -7.09 -20.19 -7.22
N THR C 129 -8.00 -20.18 -8.17
CA THR C 129 -8.62 -18.94 -8.62
C THR C 129 -10.01 -18.73 -8.04
N GLY C 130 -10.78 -19.81 -7.94
CA GLY C 130 -12.13 -19.69 -7.43
C GLY C 130 -12.94 -20.96 -7.45
N SER C 131 -14.21 -20.82 -7.09
CA SER C 131 -15.08 -21.96 -6.95
C SER C 131 -16.53 -21.69 -7.31
N ASN C 132 -17.32 -22.73 -7.07
CA ASN C 132 -18.77 -22.73 -7.15
C ASN C 132 -19.14 -23.71 -6.05
N THR C 133 -20.24 -23.46 -5.35
CA THR C 133 -20.63 -24.30 -4.20
C THR C 133 -21.13 -25.70 -4.57
N SER C 134 -20.26 -26.44 -5.27
CA SER C 134 -20.55 -27.79 -5.69
C SER C 134 -19.23 -28.53 -5.81
N GLY C 135 -18.16 -27.88 -5.34
CA GLY C 135 -16.84 -28.45 -5.41
C GLY C 135 -16.12 -28.09 -6.70
N VAL C 136 -16.77 -27.30 -7.54
CA VAL C 136 -16.16 -26.90 -8.81
C VAL C 136 -15.08 -25.86 -8.55
N ALA C 137 -13.87 -26.13 -9.03
CA ALA C 137 -12.75 -25.21 -8.84
C ALA C 137 -12.17 -24.71 -10.16
N TYR C 138 -11.55 -23.53 -10.09
CA TYR C 138 -10.86 -22.94 -11.24
C TYR C 138 -9.42 -22.67 -10.83
N VAL C 139 -8.48 -23.08 -11.69
CA VAL C 139 -7.06 -22.94 -11.39
C VAL C 139 -6.35 -22.22 -12.51
N THR C 140 -5.52 -21.23 -12.16
CA THR C 140 -4.80 -20.49 -13.19
C THR C 140 -3.35 -20.89 -13.23
N THR C 141 -2.86 -21.27 -14.40
CA THR C 141 -1.45 -21.66 -14.58
C THR C 141 -0.57 -20.41 -14.69
N PRO C 142 0.75 -20.58 -14.58
CA PRO C 142 1.71 -19.48 -14.77
C PRO C 142 1.57 -18.75 -16.11
N SER C 143 1.09 -19.43 -17.14
CA SER C 143 0.91 -18.80 -18.44
C SER C 143 -0.48 -18.18 -18.60
N GLY C 144 -1.25 -18.12 -17.50
CA GLY C 144 -2.55 -17.46 -17.54
C GLY C 144 -3.70 -18.26 -18.12
N LYS C 145 -3.54 -19.57 -18.22
CA LYS C 145 -4.62 -20.38 -18.74
C LYS C 145 -5.53 -20.75 -17.57
N LEU C 146 -6.83 -20.66 -17.78
CA LEU C 146 -7.77 -21.03 -16.73
C LEU C 146 -8.19 -22.47 -16.88
N LEU C 147 -7.84 -23.30 -15.90
CA LEU C 147 -8.24 -24.69 -15.91
C LEU C 147 -9.55 -24.82 -15.17
N GLY C 148 -10.41 -25.72 -15.64
CA GLY C 148 -11.65 -25.99 -14.94
C GLY C 148 -12.89 -25.36 -15.53
N ALA C 149 -12.79 -24.71 -16.68
CA ALA C 149 -13.94 -24.04 -17.27
C ALA C 149 -14.66 -24.78 -18.41
N ASP C 150 -14.22 -25.99 -18.74
CA ASP C 150 -14.86 -26.73 -19.84
C ASP C 150 -15.67 -27.90 -19.31
N THR C 151 -15.92 -28.88 -20.16
CA THR C 151 -16.61 -30.07 -19.71
C THR C 151 -15.84 -31.32 -20.10
N VAL C 152 -16.10 -32.42 -19.39
CA VAL C 152 -15.44 -33.69 -19.68
C VAL C 152 -16.40 -34.83 -19.33
N THR C 153 -16.22 -35.98 -19.96
CA THR C 153 -17.06 -37.12 -19.65
C THR C 153 -16.43 -37.87 -18.50
N LEU C 154 -17.27 -38.59 -17.76
CA LEU C 154 -16.80 -39.44 -16.69
C LEU C 154 -15.91 -40.56 -17.25
N SER C 155 -16.22 -41.05 -18.44
CA SER C 155 -15.44 -42.15 -19.02
C SER C 155 -14.01 -41.71 -19.33
N SER C 156 -13.87 -40.47 -19.81
CA SER C 156 -12.55 -39.89 -20.11
C SER C 156 -11.71 -39.70 -18.84
N LEU C 157 -12.30 -39.07 -17.82
CA LEU C 157 -11.62 -38.90 -16.52
C LEU C 157 -11.26 -40.23 -15.89
N SER C 158 -12.15 -41.21 -16.00
CA SER C 158 -11.95 -42.54 -15.42
C SER C 158 -10.64 -43.22 -15.77
N LYS C 159 -10.14 -42.96 -16.98
CA LYS C 159 -8.90 -43.53 -17.47
C LYS C 159 -7.68 -43.11 -16.65
N HIS C 160 -7.82 -42.03 -15.89
CA HIS C 160 -6.69 -41.52 -15.11
C HIS C 160 -6.76 -41.80 -13.61
N PHE C 161 -7.71 -42.65 -13.21
CA PHE C 161 -7.88 -42.96 -11.80
C PHE C 161 -7.91 -44.45 -11.52
N THR C 162 -7.49 -44.82 -10.31
CA THR C 162 -7.37 -46.22 -9.94
C THR C 162 -8.36 -46.64 -8.86
N GLY C 163 -8.50 -47.95 -8.67
CA GLY C 163 -9.37 -48.52 -7.66
C GLY C 163 -10.52 -49.28 -8.28
N PRO C 164 -11.16 -50.15 -7.48
CA PRO C 164 -12.28 -50.95 -7.97
C PRO C 164 -13.47 -50.08 -8.40
N LEU C 165 -14.15 -50.51 -9.46
CA LEU C 165 -15.30 -49.76 -9.97
C LEU C 165 -16.32 -49.55 -8.86
N THR C 166 -16.79 -48.32 -8.80
CA THR C 166 -17.66 -47.84 -7.76
C THR C 166 -18.79 -47.03 -8.39
N SER C 167 -20.00 -47.16 -7.85
CA SER C 167 -21.15 -46.39 -8.32
C SER C 167 -20.84 -44.91 -8.21
N ILE C 168 -21.28 -44.10 -9.17
CA ILE C 168 -21.04 -42.67 -9.08
C ILE C 168 -22.01 -42.07 -8.08
N PRO C 169 -21.56 -41.01 -7.38
CA PRO C 169 -22.44 -40.33 -6.41
C PRO C 169 -23.67 -39.76 -7.10
N LYS C 170 -24.75 -39.61 -6.33
CA LYS C 170 -26.01 -39.12 -6.87
C LYS C 170 -25.88 -37.71 -7.42
N ASP C 171 -25.08 -36.88 -6.76
CA ASP C 171 -24.87 -35.52 -7.22
C ASP C 171 -23.46 -35.33 -7.75
N ILE C 172 -23.37 -34.88 -8.99
CA ILE C 172 -22.09 -34.62 -9.64
C ILE C 172 -22.17 -33.25 -10.31
N PRO C 173 -21.05 -32.53 -10.38
CA PRO C 173 -21.03 -31.19 -10.98
C PRO C 173 -21.48 -31.22 -12.44
N ASP C 174 -22.19 -30.18 -12.88
CA ASP C 174 -22.75 -30.14 -14.23
C ASP C 174 -21.72 -30.15 -15.35
N ASN C 175 -20.48 -29.76 -15.06
CA ASN C 175 -19.44 -29.76 -16.07
C ASN C 175 -18.87 -31.17 -16.32
N ILE C 176 -19.34 -32.14 -15.54
CA ILE C 176 -18.93 -33.52 -15.76
C ILE C 176 -20.11 -34.26 -16.35
N ILE C 177 -19.92 -34.84 -17.53
CA ILE C 177 -21.01 -35.54 -18.21
C ILE C 177 -21.04 -36.99 -17.79
N ALA C 178 -22.10 -37.38 -17.09
CA ALA C 178 -22.22 -38.73 -16.57
C ALA C 178 -22.61 -39.73 -17.64
N ASP C 179 -21.63 -40.17 -18.43
CA ASP C 179 -21.94 -41.10 -19.52
C ASP C 179 -21.77 -42.55 -19.10
N VAL C 180 -21.24 -42.78 -17.91
CA VAL C 180 -21.12 -44.12 -17.32
C VAL C 180 -21.67 -44.05 -15.89
N ASP C 181 -22.04 -45.19 -15.32
CA ASP C 181 -22.60 -45.18 -13.96
C ASP C 181 -21.63 -45.71 -12.90
N ALA C 182 -20.43 -46.08 -13.34
CA ALA C 182 -19.40 -46.61 -12.45
C ALA C 182 -18.02 -46.05 -12.81
N VAL C 183 -17.24 -45.70 -11.79
CA VAL C 183 -15.88 -45.16 -11.99
C VAL C 183 -14.94 -45.79 -10.96
N PRO C 184 -13.63 -45.75 -11.22
CA PRO C 184 -12.66 -46.26 -10.26
C PRO C 184 -12.83 -45.52 -8.92
N ARG C 185 -12.76 -46.28 -7.83
CA ARG C 185 -12.96 -45.78 -6.47
C ARG C 185 -12.35 -44.42 -6.15
N SER C 186 -11.07 -44.24 -6.45
CA SER C 186 -10.40 -42.98 -6.15
C SER C 186 -11.13 -41.78 -6.78
N LEU C 187 -11.66 -41.95 -7.98
CA LEU C 187 -12.41 -40.88 -8.65
C LEU C 187 -13.75 -40.65 -7.96
N ALA C 188 -14.45 -41.73 -7.64
CA ALA C 188 -15.75 -41.65 -6.97
C ALA C 188 -15.63 -40.89 -5.65
N MET C 189 -14.53 -41.10 -4.95
CA MET C 189 -14.26 -40.41 -3.68
C MET C 189 -14.03 -38.91 -3.84
N LEU C 190 -13.27 -38.53 -4.86
CA LEU C 190 -12.96 -37.13 -5.13
C LEU C 190 -14.21 -36.31 -5.42
N ILE C 191 -15.21 -36.95 -5.99
CA ILE C 191 -16.48 -36.28 -6.25
C ILE C 191 -17.33 -36.26 -4.96
N ARG D 3 15.04 16.48 -17.41
CA ARG D 3 14.78 15.35 -18.35
C ARG D 3 13.39 14.77 -18.15
N GLY D 4 12.82 14.24 -19.22
CA GLY D 4 11.48 13.68 -19.20
C GLY D 4 11.33 12.43 -18.36
N ASN D 5 12.45 11.77 -18.05
CA ASN D 5 12.37 10.55 -17.24
C ASN D 5 12.70 10.79 -15.77
N VAL D 6 12.66 12.05 -15.37
CA VAL D 6 12.93 12.40 -13.98
C VAL D 6 11.65 12.78 -13.22
N GLY D 7 11.41 12.10 -12.11
CA GLY D 7 10.23 12.39 -11.32
C GLY D 7 10.51 12.56 -9.84
N PHE D 8 9.44 12.59 -9.06
CA PHE D 8 9.54 12.71 -7.63
C PHE D 8 9.24 11.36 -6.99
N VAL D 9 10.01 11.01 -5.96
CA VAL D 9 9.77 9.78 -5.21
C VAL D 9 9.63 10.17 -3.75
N ALA D 10 8.68 9.55 -3.06
CA ALA D 10 8.47 9.83 -1.66
C ALA D 10 8.02 8.59 -0.93
N GLY D 11 8.75 8.26 0.14
CA GLY D 11 8.42 7.14 1.01
C GLY D 11 8.45 7.73 2.40
N SER D 12 9.50 7.41 3.16
CA SER D 12 9.66 8.03 4.47
C SER D 12 10.11 9.48 4.31
N SER D 13 10.86 9.77 3.26
CA SER D 13 11.30 11.13 2.96
C SER D 13 10.92 11.52 1.53
N TYR D 14 11.10 12.80 1.19
CA TYR D 14 10.78 13.29 -0.15
C TYR D 14 12.06 13.42 -0.95
N GLY D 15 12.02 12.99 -2.20
CA GLY D 15 13.21 13.06 -3.02
C GLY D 15 12.91 13.01 -4.50
N THR D 16 13.88 12.50 -5.25
CA THR D 16 13.80 12.47 -6.70
C THR D 16 14.02 11.06 -7.23
N GLY D 17 13.53 10.79 -8.43
CA GLY D 17 13.74 9.49 -9.04
C GLY D 17 13.95 9.56 -10.54
N SER D 18 14.25 8.44 -11.16
CA SER D 18 14.41 8.39 -12.60
C SER D 18 13.79 7.11 -13.13
N VAL D 19 13.23 7.18 -14.32
CA VAL D 19 12.53 6.05 -14.91
C VAL D 19 13.23 5.56 -16.17
N TRP D 20 13.41 4.25 -16.29
CA TRP D 20 14.15 3.68 -17.42
C TRP D 20 13.46 2.45 -17.99
N THR D 21 13.90 2.08 -19.18
CA THR D 21 13.38 0.88 -19.83
C THR D 21 14.51 -0.14 -19.81
N ARG D 22 14.18 -1.38 -19.46
CA ARG D 22 15.15 -2.46 -19.44
C ARG D 22 14.42 -3.76 -19.78
N ASN D 23 14.94 -4.49 -20.77
CA ASN D 23 14.37 -5.76 -21.26
C ASN D 23 12.95 -6.16 -20.80
N ASN D 24 11.95 -5.55 -21.44
CA ASN D 24 10.53 -5.81 -21.17
C ASN D 24 9.97 -5.19 -19.88
N GLU D 25 10.75 -4.40 -19.17
CA GLU D 25 10.27 -3.84 -17.91
C GLU D 25 10.63 -2.37 -17.73
N VAL D 26 9.89 -1.71 -16.85
CA VAL D 26 10.16 -0.32 -16.51
C VAL D 26 10.85 -0.30 -15.15
N VAL D 27 11.96 0.43 -15.07
CA VAL D 27 12.79 0.48 -13.87
C VAL D 27 12.77 1.89 -13.29
N VAL D 28 12.59 2.00 -11.97
CA VAL D 28 12.59 3.28 -11.28
C VAL D 28 13.71 3.29 -10.25
N LEU D 29 14.60 4.27 -10.35
CA LEU D 29 15.75 4.35 -9.47
C LEU D 29 15.62 5.55 -8.57
N THR D 30 15.99 5.38 -7.31
CA THR D 30 16.01 6.49 -6.36
C THR D 30 16.96 6.13 -5.22
N ALA D 31 16.98 6.94 -4.15
CA ALA D 31 17.84 6.67 -3.00
C ALA D 31 17.07 5.85 -1.95
N SER D 32 17.76 4.99 -1.21
CA SER D 32 17.11 4.14 -0.20
C SER D 32 16.54 4.93 0.96
N HIS D 33 17.21 6.02 1.33
CA HIS D 33 16.73 6.86 2.43
C HIS D 33 15.48 7.67 2.08
N VAL D 34 15.18 7.80 0.80
CA VAL D 34 13.97 8.47 0.36
C VAL D 34 12.82 7.51 0.61
N VAL D 35 13.04 6.26 0.22
CA VAL D 35 12.05 5.20 0.42
C VAL D 35 11.79 4.95 1.90
N GLY D 36 12.85 4.68 2.65
CA GLY D 36 12.74 4.38 4.07
C GLY D 36 13.41 3.06 4.42
N ARG D 37 13.24 2.62 5.66
CA ARG D 37 13.86 1.38 6.10
C ARG D 37 13.18 0.13 5.53
N ALA D 38 11.97 0.28 5.02
CA ALA D 38 11.34 -0.84 4.34
C ALA D 38 11.48 -0.58 2.84
N ASN D 39 10.55 -1.12 2.08
CA ASN D 39 10.68 -1.07 0.64
C ASN D 39 9.63 -0.29 -0.16
N MET D 40 8.68 0.38 0.49
CA MET D 40 7.65 1.05 -0.32
C MET D 40 7.71 2.58 -0.42
N ALA D 41 7.44 3.09 -1.63
CA ALA D 41 7.47 4.52 -1.88
C ALA D 41 6.61 4.85 -3.09
N THR D 42 6.19 6.11 -3.20
CA THR D 42 5.39 6.46 -4.37
C THR D 42 6.13 7.38 -5.32
N LEU D 43 5.87 7.17 -6.60
CA LEU D 43 6.47 7.96 -7.66
C LEU D 43 5.39 8.74 -8.38
N LYS D 44 5.65 10.02 -8.60
CA LYS D 44 4.78 10.79 -9.47
C LYS D 44 5.63 11.47 -10.54
N ILE D 45 5.25 11.21 -11.79
CA ILE D 45 5.98 11.69 -12.95
C ILE D 45 4.97 12.04 -14.03
N GLY D 46 5.04 13.28 -14.51
CA GLY D 46 4.06 13.75 -15.48
C GLY D 46 2.71 13.69 -14.81
N ASP D 47 1.79 12.96 -15.43
CA ASP D 47 0.44 12.82 -14.88
C ASP D 47 0.28 11.47 -14.20
N ALA D 48 1.35 10.69 -14.20
CA ALA D 48 1.27 9.37 -13.59
C ALA D 48 1.68 9.41 -12.13
N MET D 49 0.99 8.62 -11.33
CA MET D 49 1.29 8.48 -9.92
C MET D 49 1.19 6.99 -9.62
N LEU D 50 2.17 6.47 -8.86
CA LEU D 50 2.27 5.03 -8.67
C LEU D 50 3.00 4.68 -7.38
N THR D 51 2.52 3.66 -6.67
CA THR D 51 3.20 3.18 -5.48
C THR D 51 4.05 1.95 -5.84
N LEU D 52 5.32 1.96 -5.44
CA LEU D 52 6.26 0.90 -5.82
C LEU D 52 6.98 0.25 -4.64
N THR D 53 7.66 -0.87 -4.91
CA THR D 53 8.41 -1.59 -3.90
C THR D 53 9.87 -1.67 -4.35
N PHE D 54 10.81 -1.27 -3.50
CA PHE D 54 12.21 -1.15 -3.93
C PHE D 54 13.18 -2.15 -3.31
N LYS D 55 14.03 -2.72 -4.15
CA LYS D 55 15.14 -3.53 -3.69
C LYS D 55 16.28 -2.54 -3.40
N LYS D 56 17.19 -2.88 -2.51
CA LYS D 56 18.25 -1.92 -2.20
C LYS D 56 19.64 -2.52 -2.07
N ASN D 57 20.66 -1.70 -2.32
CA ASN D 57 22.06 -2.04 -2.09
C ASN D 57 22.71 -0.78 -1.57
N GLY D 58 22.81 -0.68 -0.25
CA GLY D 58 23.24 0.56 0.37
C GLY D 58 22.15 1.57 0.07
N ASP D 59 22.56 2.75 -0.35
CA ASP D 59 21.61 3.81 -0.66
C ASP D 59 21.08 3.76 -2.11
N PHE D 60 21.42 2.73 -2.86
CA PHE D 60 20.93 2.59 -4.23
C PHE D 60 19.67 1.73 -4.22
N ALA D 61 18.57 2.27 -4.70
CA ALA D 61 17.28 1.59 -4.64
C ALA D 61 16.68 1.39 -6.02
N GLU D 62 16.08 0.25 -6.24
CA GLU D 62 15.55 -0.05 -7.55
C GLU D 62 14.20 -0.77 -7.48
N ALA D 63 13.22 -0.24 -8.20
CA ALA D 63 11.91 -0.87 -8.28
C ALA D 63 11.62 -1.21 -9.73
N VAL D 64 10.86 -2.27 -9.95
CA VAL D 64 10.50 -2.65 -11.31
C VAL D 64 8.99 -2.68 -11.47
N THR D 65 8.53 -2.26 -12.64
CA THR D 65 7.13 -2.26 -12.97
C THR D 65 6.98 -2.46 -14.48
N THR D 66 5.81 -2.19 -15.03
CA THR D 66 5.57 -2.43 -16.46
C THR D 66 5.12 -1.20 -17.27
N GLN D 67 5.08 -1.38 -18.59
CA GLN D 67 4.63 -0.33 -19.49
C GLN D 67 3.16 -0.04 -19.31
N SER D 68 2.38 -1.07 -19.00
CA SER D 68 0.96 -0.91 -18.73
C SER D 68 0.70 -0.08 -17.48
N GLU D 69 1.63 -0.11 -16.53
CA GLU D 69 1.47 0.62 -15.28
C GLU D 69 2.13 2.00 -15.33
N LEU D 70 3.21 2.11 -16.10
CA LEU D 70 3.95 3.37 -16.20
C LEU D 70 4.38 3.56 -17.65
N PRO D 71 3.43 3.99 -18.49
CA PRO D 71 3.68 4.13 -19.93
C PRO D 71 4.64 5.26 -20.28
N GLY D 72 5.47 5.05 -21.30
CA GLY D 72 6.38 6.08 -21.76
C GLY D 72 7.57 5.54 -22.52
N ASN D 73 8.17 6.39 -23.35
CA ASN D 73 9.36 6.03 -24.12
C ASN D 73 10.61 6.25 -23.28
N TRP D 74 10.64 5.61 -22.11
CA TRP D 74 11.76 5.75 -21.18
C TRP D 74 13.06 5.29 -21.82
N PRO D 75 14.14 6.04 -21.60
CA PRO D 75 15.43 5.71 -22.20
C PRO D 75 16.00 4.42 -21.62
N GLN D 76 16.83 3.75 -22.42
CA GLN D 76 17.45 2.51 -22.05
C GLN D 76 18.34 2.66 -20.82
N LEU D 77 18.27 1.67 -19.94
CA LEU D 77 19.10 1.67 -18.74
C LEU D 77 20.39 0.92 -19.01
N HIS D 78 21.51 1.58 -18.76
CA HIS D 78 22.84 0.99 -18.87
C HIS D 78 23.59 1.38 -17.58
N PHE D 79 24.18 0.42 -16.89
CA PHE D 79 25.01 0.72 -15.71
C PHE D 79 26.48 0.73 -16.12
N ALA D 80 27.26 1.68 -15.62
CA ALA D 80 28.70 1.72 -15.89
C ALA D 80 29.50 2.19 -14.68
N GLN D 81 30.77 1.85 -14.67
CA GLN D 81 31.68 2.28 -13.62
C GLN D 81 32.00 3.76 -13.78
N PRO D 82 32.19 4.48 -12.68
CA PRO D 82 32.55 5.90 -12.75
C PRO D 82 33.90 6.14 -13.42
N THR D 83 33.96 7.22 -14.20
CA THR D 83 35.23 7.69 -14.74
C THR D 83 35.39 9.09 -14.19
N THR D 84 36.63 9.46 -13.89
CA THR D 84 36.90 10.78 -13.35
C THR D 84 36.61 11.80 -14.43
N GLY D 85 35.66 12.70 -14.16
CA GLY D 85 35.27 13.69 -15.14
C GLY D 85 33.88 14.23 -14.85
N PRO D 86 33.31 14.93 -15.82
CA PRO D 86 31.97 15.48 -15.69
C PRO D 86 30.89 14.40 -15.60
N ALA D 87 29.78 14.75 -14.95
CA ALA D 87 28.64 13.86 -14.82
C ALA D 87 27.43 14.76 -14.64
N SER D 88 26.26 14.24 -14.97
CA SER D 88 25.04 15.01 -14.84
C SER D 88 24.18 14.44 -13.73
N TRP D 89 23.79 15.31 -12.82
CA TRP D 89 22.85 14.94 -11.79
C TRP D 89 21.48 15.24 -12.41
N CYS D 90 20.66 14.20 -12.60
CA CYS D 90 19.37 14.36 -13.29
C CYS D 90 18.24 14.78 -12.34
N THR D 91 18.27 16.07 -11.99
CA THR D 91 17.37 16.70 -11.01
C THR D 91 15.99 17.01 -11.59
N ALA D 92 14.95 17.07 -10.75
CA ALA D 92 13.59 17.42 -11.21
C ALA D 92 13.45 18.84 -11.78
N THR D 93 14.47 19.67 -11.60
CA THR D 93 14.44 21.01 -12.16
C THR D 93 15.59 21.25 -13.16
N GLY D 94 16.18 20.18 -13.65
CA GLY D 94 17.24 20.31 -14.65
C GLY D 94 18.51 19.55 -14.36
N ASP D 95 19.27 19.24 -15.40
CA ASP D 95 20.54 18.53 -15.22
C ASP D 95 21.55 19.44 -14.56
N GLU D 96 22.18 18.93 -13.51
CA GLU D 96 23.20 19.67 -12.79
C GLU D 96 24.54 19.04 -13.15
N GLU D 97 25.38 19.78 -13.87
CA GLU D 97 26.68 19.27 -14.26
C GLU D 97 27.63 19.40 -13.10
N GLY D 98 28.30 18.30 -12.75
CA GLY D 98 29.25 18.33 -11.65
C GLY D 98 30.46 17.46 -11.90
N LEU D 99 31.33 17.38 -10.91
CA LEU D 99 32.51 16.53 -10.99
C LEU D 99 32.21 15.17 -10.35
N LEU D 100 32.60 14.11 -11.03
CA LEU D 100 32.43 12.78 -10.49
C LEU D 100 33.78 12.08 -10.48
N SER D 101 34.08 11.44 -9.37
CA SER D 101 35.26 10.60 -9.23
C SER D 101 35.00 9.71 -8.05
N GLY D 102 35.74 8.61 -7.95
CA GLY D 102 35.53 7.70 -6.86
C GLY D 102 35.76 8.36 -5.51
N GLU D 103 36.76 9.25 -5.45
CA GLU D 103 37.14 9.87 -4.19
C GLU D 103 36.30 11.09 -3.80
N VAL D 104 36.00 11.95 -4.79
CA VAL D 104 35.34 13.24 -4.52
C VAL D 104 34.36 13.59 -5.63
N CYS D 105 33.13 13.96 -5.24
CA CYS D 105 32.13 14.39 -6.19
C CYS D 105 31.63 15.76 -5.78
N LEU D 106 31.48 16.65 -6.76
CA LEU D 106 31.01 18.02 -6.49
C LEU D 106 29.84 18.36 -7.40
N ALA D 107 28.74 18.82 -6.80
CA ALA D 107 27.56 19.22 -7.55
C ALA D 107 26.67 20.02 -6.62
N TRP D 108 26.10 21.11 -7.11
CA TRP D 108 25.20 21.89 -6.28
C TRP D 108 23.83 21.21 -6.22
N THR D 109 23.49 20.67 -5.07
CA THR D 109 22.20 19.98 -4.92
C THR D 109 21.42 20.45 -3.70
N THR D 110 20.14 20.09 -3.68
CA THR D 110 19.28 20.37 -2.54
C THR D 110 18.86 19.03 -1.96
N SER D 111 18.36 19.05 -0.73
CA SER D 111 17.94 17.82 -0.06
C SER D 111 16.97 17.03 -0.93
N GLY D 112 16.05 17.74 -1.58
CA GLY D 112 15.09 17.14 -2.49
C GLY D 112 15.70 16.42 -3.69
N ASP D 113 16.98 16.66 -3.97
CA ASP D 113 17.65 16.03 -5.11
C ASP D 113 18.11 14.61 -4.80
N SER D 114 17.98 14.20 -3.54
CA SER D 114 18.32 12.83 -3.13
C SER D 114 17.60 11.87 -4.08
N GLY D 115 18.35 10.89 -4.60
CA GLY D 115 17.76 9.95 -5.52
C GLY D 115 17.97 10.23 -7.00
N SER D 116 18.35 11.46 -7.34
CA SER D 116 18.58 11.81 -8.74
C SER D 116 19.59 10.86 -9.39
N ALA D 117 19.29 10.39 -10.59
CA ALA D 117 20.24 9.57 -11.33
C ALA D 117 21.49 10.39 -11.68
N VAL D 118 22.67 9.79 -11.48
CA VAL D 118 23.93 10.43 -11.86
C VAL D 118 24.46 9.71 -13.09
N VAL D 119 24.57 10.42 -14.21
CA VAL D 119 24.97 9.79 -15.47
C VAL D 119 26.23 10.34 -16.13
N GLN D 120 26.91 9.47 -16.87
CA GLN D 120 28.05 9.88 -17.70
C GLN D 120 27.75 9.29 -19.07
N GLY D 121 27.45 10.17 -20.02
CA GLY D 121 27.06 9.73 -21.35
C GLY D 121 25.68 9.12 -21.27
N ASP D 122 25.52 7.91 -21.80
CA ASP D 122 24.23 7.26 -21.74
C ASP D 122 24.22 6.13 -20.72
N ALA D 123 24.96 6.31 -19.63
CA ALA D 123 25.03 5.29 -18.59
C ALA D 123 24.84 5.86 -17.20
N VAL D 124 24.11 5.13 -16.37
CA VAL D 124 23.92 5.49 -14.97
C VAL D 124 25.12 4.98 -14.18
N VAL D 125 25.74 5.86 -13.38
CA VAL D 125 26.87 5.43 -12.56
C VAL D 125 26.40 5.23 -11.11
N GLY D 126 25.27 5.85 -10.78
CA GLY D 126 24.70 5.72 -9.44
C GLY D 126 23.57 6.72 -9.21
N VAL D 127 23.17 6.87 -7.96
CA VAL D 127 22.14 7.83 -7.57
C VAL D 127 22.71 8.82 -6.55
N HIS D 128 22.19 10.03 -6.53
CA HIS D 128 22.65 11.06 -5.59
C HIS D 128 22.22 10.67 -4.17
N THR D 129 23.16 10.66 -3.25
CA THR D 129 22.90 10.16 -1.91
C THR D 129 22.81 11.26 -0.86
N GLY D 130 23.61 12.30 -1.03
CA GLY D 130 23.59 13.39 -0.08
C GLY D 130 24.66 14.40 -0.38
N SER D 131 24.81 15.39 0.51
CA SER D 131 25.76 16.48 0.30
C SER D 131 26.34 17.05 1.59
N ASN D 132 27.38 17.86 1.44
CA ASN D 132 28.04 18.51 2.58
C ASN D 132 28.55 19.91 2.19
N THR D 133 29.21 20.58 3.13
CA THR D 133 29.75 21.94 2.97
C THR D 133 30.42 22.18 1.62
N SER D 134 30.10 23.32 1.02
CA SER D 134 30.50 23.64 -0.34
C SER D 134 29.61 22.81 -1.25
N GLY D 135 30.14 22.38 -2.38
CA GLY D 135 29.33 21.59 -3.30
C GLY D 135 29.58 20.10 -3.22
N VAL D 136 29.97 19.60 -2.06
CA VAL D 136 30.26 18.17 -1.87
C VAL D 136 29.03 17.27 -2.07
N ALA D 137 29.15 16.29 -2.95
CA ALA D 137 28.07 15.33 -3.21
C ALA D 137 28.56 13.92 -2.92
N TYR D 138 27.62 13.03 -2.59
CA TYR D 138 27.90 11.62 -2.36
C TYR D 138 27.00 10.85 -3.33
N VAL D 139 27.58 9.89 -4.04
CA VAL D 139 26.85 9.13 -5.05
C VAL D 139 27.01 7.65 -4.77
N THR D 140 25.90 6.89 -4.79
CA THR D 140 25.99 5.46 -4.54
C THR D 140 25.83 4.70 -5.84
N THR D 141 26.73 3.77 -6.12
CA THR D 141 26.63 2.96 -7.33
C THR D 141 25.66 1.79 -7.14
N PRO D 142 25.28 1.09 -8.22
CA PRO D 142 24.39 -0.06 -8.10
C PRO D 142 24.91 -1.16 -7.18
N SER D 143 26.23 -1.28 -7.04
CA SER D 143 26.78 -2.32 -6.18
C SER D 143 27.04 -1.84 -4.74
N GLY D 144 26.52 -0.67 -4.42
CA GLY D 144 26.54 -0.15 -3.06
C GLY D 144 27.77 0.61 -2.62
N LYS D 145 28.64 0.95 -3.56
CA LYS D 145 29.85 1.69 -3.24
C LYS D 145 29.55 3.19 -3.13
N LEU D 146 30.05 3.82 -2.08
CA LEU D 146 29.83 5.25 -1.90
C LEU D 146 30.96 6.05 -2.55
N LEU D 147 30.63 6.80 -3.59
CA LEU D 147 31.62 7.66 -4.22
C LEU D 147 31.57 9.01 -3.54
N GLY D 148 32.74 9.64 -3.38
CA GLY D 148 32.77 10.98 -2.83
C GLY D 148 33.10 11.12 -1.37
N ALA D 149 33.56 10.03 -0.74
CA ALA D 149 33.81 10.05 0.69
C ALA D 149 35.28 10.17 1.08
N ASP D 150 36.17 10.20 0.09
CA ASP D 150 37.61 10.23 0.37
C ASP D 150 38.24 11.56 0.03
N THR D 151 39.55 11.56 -0.17
CA THR D 151 40.25 12.77 -0.58
C THR D 151 41.05 12.53 -1.84
N VAL D 152 41.45 13.63 -2.46
CA VAL D 152 42.27 13.60 -3.65
C VAL D 152 42.98 14.95 -3.74
N THR D 153 44.18 14.95 -4.27
CA THR D 153 44.90 16.20 -4.44
C THR D 153 44.49 16.79 -5.78
N LEU D 154 44.58 18.11 -5.89
CA LEU D 154 44.30 18.76 -7.16
C LEU D 154 45.23 18.28 -8.26
N SER D 155 46.49 18.04 -7.89
CA SER D 155 47.47 17.54 -8.86
C SER D 155 47.07 16.20 -9.48
N SER D 156 46.65 15.26 -8.64
CA SER D 156 46.21 13.95 -9.11
C SER D 156 44.91 14.04 -9.93
N LEU D 157 43.96 14.84 -9.45
CA LEU D 157 42.71 15.05 -10.17
C LEU D 157 42.98 15.61 -11.56
N SER D 158 43.95 16.52 -11.62
CA SER D 158 44.31 17.23 -12.86
C SER D 158 44.76 16.34 -14.02
N LYS D 159 45.32 15.17 -13.73
CA LYS D 159 45.78 14.25 -14.77
C LYS D 159 44.64 13.88 -15.72
N HIS D 160 43.41 13.93 -15.22
CA HIS D 160 42.26 13.47 -15.99
C HIS D 160 41.53 14.54 -16.77
N PHE D 161 42.09 15.75 -16.81
CA PHE D 161 41.40 16.86 -17.46
C PHE D 161 42.24 17.59 -18.49
N THR D 162 41.61 17.94 -19.61
CA THR D 162 42.25 18.67 -20.69
C THR D 162 42.14 20.16 -20.46
N GLY D 163 42.94 20.94 -21.19
CA GLY D 163 42.88 22.38 -21.12
C GLY D 163 44.10 23.01 -20.47
N PRO D 164 44.35 24.28 -20.79
CA PRO D 164 45.49 25.02 -20.26
C PRO D 164 45.32 25.31 -18.77
N LEU D 165 46.40 25.66 -18.07
CA LEU D 165 46.32 25.91 -16.63
C LEU D 165 45.45 27.12 -16.32
N THR D 166 44.64 26.99 -15.29
CA THR D 166 43.67 28.00 -14.93
C THR D 166 43.64 28.15 -13.41
N SER D 167 43.38 29.36 -12.94
CA SER D 167 43.27 29.63 -11.52
C SER D 167 42.21 28.75 -10.86
N ILE D 168 42.47 28.38 -9.61
CA ILE D 168 41.57 27.54 -8.83
C ILE D 168 40.42 28.37 -8.27
N PRO D 169 39.20 27.83 -8.33
CA PRO D 169 38.05 28.49 -7.70
C PRO D 169 38.33 28.56 -6.21
N LYS D 170 37.99 29.67 -5.56
CA LYS D 170 38.38 29.90 -4.18
C LYS D 170 37.49 29.27 -3.09
N ASP D 171 36.59 28.38 -3.47
CA ASP D 171 35.70 27.74 -2.49
C ASP D 171 35.77 26.22 -2.63
N ILE D 172 36.98 25.68 -2.60
CA ILE D 172 37.17 24.24 -2.73
C ILE D 172 37.08 23.55 -1.37
N PRO D 173 36.39 22.42 -1.32
CA PRO D 173 36.21 21.66 -0.08
C PRO D 173 37.52 21.03 0.40
N ASP D 174 37.55 20.73 1.70
CA ASP D 174 38.70 20.19 2.41
C ASP D 174 39.22 18.86 1.87
N ASN D 175 38.34 18.06 1.29
CA ASN D 175 38.76 16.77 0.76
C ASN D 175 39.41 16.84 -0.60
N ILE D 176 39.46 18.04 -1.19
CA ILE D 176 40.28 18.24 -2.37
C ILE D 176 41.51 18.97 -1.84
N ILE D 177 42.64 18.29 -1.82
CA ILE D 177 43.86 18.86 -1.27
C ILE D 177 44.56 19.78 -2.29
N ALA D 178 44.62 21.07 -1.97
CA ALA D 178 45.16 22.05 -2.91
C ALA D 178 46.69 22.07 -2.86
N ASP D 179 47.31 21.26 -3.70
CA ASP D 179 48.76 21.16 -3.71
C ASP D 179 49.39 21.79 -4.95
N VAL D 180 48.56 22.40 -5.79
CA VAL D 180 49.00 23.15 -6.96
C VAL D 180 48.20 24.44 -6.97
N ASP D 181 48.69 25.46 -7.67
CA ASP D 181 47.98 26.73 -7.72
C ASP D 181 47.19 26.94 -9.03
N ALA D 182 47.23 25.95 -9.91
CA ALA D 182 46.48 26.02 -11.16
C ALA D 182 46.10 24.62 -11.64
N VAL D 183 44.94 24.51 -12.30
CA VAL D 183 44.48 23.23 -12.82
C VAL D 183 43.99 23.39 -14.26
N PRO D 184 43.93 22.29 -15.01
CA PRO D 184 43.41 22.33 -16.39
C PRO D 184 42.06 23.00 -16.42
N ARG D 185 41.88 23.85 -17.43
CA ARG D 185 40.66 24.61 -17.61
C ARG D 185 39.34 23.83 -17.47
N SER D 186 39.29 22.63 -18.04
CA SER D 186 38.04 21.84 -18.00
C SER D 186 37.70 21.43 -16.57
N LEU D 187 38.72 21.21 -15.75
CA LEU D 187 38.49 20.93 -14.34
C LEU D 187 38.05 22.21 -13.63
N ALA D 188 38.75 23.32 -13.90
CA ALA D 188 38.41 24.63 -13.32
C ALA D 188 37.02 25.11 -13.71
N MET D 189 36.66 24.94 -14.99
CA MET D 189 35.35 25.36 -15.47
C MET D 189 34.25 24.51 -14.87
N LEU D 190 34.53 23.21 -14.69
CA LEU D 190 33.59 22.32 -14.03
C LEU D 190 33.19 22.93 -12.70
N ILE D 191 34.17 23.18 -11.85
CA ILE D 191 33.91 23.75 -10.52
C ILE D 191 33.32 25.17 -10.55
N ASP D 192 33.79 26.00 -11.48
CA ASP D 192 33.28 27.37 -11.59
C ASP D 192 31.95 27.49 -12.33
N GLY D 193 31.36 26.36 -12.67
CA GLY D 193 30.06 26.35 -13.33
C GLY D 193 29.02 25.65 -12.48
N LEU D 194 29.38 25.41 -11.22
CA LEU D 194 28.50 24.69 -10.29
C LEU D 194 27.26 25.47 -9.85
N SER D 195 26.19 25.26 -10.61
CA SER D 195 24.82 25.78 -10.41
C SER D 195 24.25 26.11 -11.78
N ASN D 196 24.52 25.22 -12.72
CA ASN D 196 24.14 25.38 -14.12
C ASN D 196 22.70 24.96 -14.42
N ARG D 197 22.15 24.12 -13.55
CA ARG D 197 20.79 23.57 -13.64
C ARG D 197 19.90 24.01 -14.81
#